data_7YJT
#
_entry.id   7YJT
#
_cell.length_a   47.230
_cell.length_b   84.614
_cell.length_c   81.901
_cell.angle_alpha   90.000
_cell.angle_beta   98.600
_cell.angle_gamma   90.000
#
_symmetry.space_group_name_H-M   'P 1 21 1'
#
loop_
_entity.id
_entity.type
_entity.pdbx_description
1 polymer 'Probable phosphatidylethanolamine transferase Mcr-1'
2 non-polymer 'GOLD ION'
3 water water
#
_entity_poly.entity_id   1
_entity_poly.type   'polypeptide(L)'
_entity_poly.pdbx_seq_one_letter_code
;HMLEGGSGGSGGSTIYHAKDAVQATKPDMRKPRLVVFVVGETARADHVSFNGYERDTFPQLAKIDGVTNFSNVTSCGTS
(TPO)AYSVPCMFSYLGADEYDVDTAKYQENVLDTLDRLGVSILWRDNNSDSKGVMDKLPKAQFADYKSATNNAICNTNP
YNECRDVGMLVGLDDFVAANNGKDMLIMLHQMGNHGPAYFKRYDEKFAKFTPVCEGNELAKCEHQSLINAYDNALLATDD
FIAQSIQWLQTHSNAYDVSMLYVSDHGESLGENGVYLHGMPNAFAPKEQRSVPAFFWTDKQTGITPMATDTVLTHDAITP
TLLKLFDVTADKVKDRTAFIR
;
_entity_poly.pdbx_strand_id   A,B
#
loop_
_chem_comp.id
_chem_comp.type
_chem_comp.name
_chem_comp.formula
AU non-polymer 'GOLD ION' 'Au 1'
#
# COMPACT_ATOMS: atom_id res chain seq x y z
N THR A 14 -0.54 1.04 -25.12
CA THR A 14 0.09 2.29 -24.69
C THR A 14 0.64 3.08 -25.87
N ILE A 15 0.23 4.33 -26.00
CA ILE A 15 0.80 5.27 -26.96
C ILE A 15 1.88 6.07 -26.23
N TYR A 16 3.12 5.97 -26.70
CA TYR A 16 4.28 6.61 -26.08
C TYR A 16 4.51 8.00 -26.64
N HIS A 17 5.03 8.88 -25.79
CA HIS A 17 5.41 10.24 -26.20
C HIS A 17 6.83 10.64 -25.75
N ALA A 18 7.51 9.83 -24.96
CA ALA A 18 8.82 10.21 -24.44
C ALA A 18 9.73 9.00 -24.35
N LYS A 19 9.78 8.19 -25.42
CA LYS A 19 10.72 7.07 -25.47
C LYS A 19 12.16 7.55 -25.51
N ASP A 20 12.37 8.81 -25.88
CA ASP A 20 13.69 9.44 -25.94
C ASP A 20 14.15 9.96 -24.58
N ALA A 21 13.29 9.91 -23.57
CA ALA A 21 13.65 10.51 -22.28
C ALA A 21 14.92 9.89 -21.71
N VAL A 22 15.88 10.75 -21.32
CA VAL A 22 17.10 10.36 -20.65
C VAL A 22 17.29 11.21 -19.39
N GLN A 23 17.89 10.60 -18.36
CA GLN A 23 18.29 11.29 -17.13
C GLN A 23 19.77 11.65 -17.22
N ALA A 24 20.08 12.96 -17.24
CA ALA A 24 21.46 13.40 -17.44
C ALA A 24 22.38 13.02 -16.29
N THR A 25 21.88 12.99 -15.06
CA THR A 25 22.71 12.64 -13.90
C THR A 25 21.97 11.62 -13.04
N LYS A 26 22.71 10.69 -12.47
CA LYS A 26 22.09 9.60 -11.77
C LYS A 26 22.33 9.70 -10.27
N PRO A 27 21.42 9.15 -9.47
CA PRO A 27 21.59 9.22 -8.00
C PRO A 27 22.80 8.47 -7.46
N ASP A 28 23.56 7.74 -8.27
CA ASP A 28 24.82 7.18 -7.77
C ASP A 28 26.01 8.14 -7.92
N MET A 29 25.81 9.30 -8.55
CA MET A 29 26.88 10.26 -8.82
C MET A 29 26.51 11.68 -8.42
N ARG A 30 25.36 11.88 -7.80
CA ARG A 30 25.01 13.16 -7.19
C ARG A 30 23.94 12.85 -6.13
N LYS A 31 23.56 13.87 -5.37
CA LYS A 31 22.61 13.61 -4.29
C LYS A 31 21.32 13.09 -4.89
N PRO A 32 20.70 12.08 -4.27
CA PRO A 32 19.38 11.65 -4.73
C PRO A 32 18.37 12.75 -4.48
N ARG A 33 17.33 12.79 -5.31
CA ARG A 33 16.33 13.86 -5.31
C ARG A 33 14.99 13.31 -4.82
N LEU A 34 14.34 14.06 -3.91
CA LEU A 34 13.12 13.62 -3.23
C LEU A 34 12.11 14.76 -3.32
N VAL A 35 10.98 14.51 -3.98
CA VAL A 35 9.99 15.55 -4.30
C VAL A 35 8.63 15.08 -3.83
N VAL A 36 7.88 15.97 -3.19
CA VAL A 36 6.47 15.77 -2.91
C VAL A 36 5.68 16.66 -3.85
N PHE A 37 4.76 16.06 -4.58
CA PHE A 37 3.83 16.79 -5.42
C PHE A 37 2.47 16.63 -4.73
N VAL A 38 1.97 17.71 -4.13
CA VAL A 38 0.60 17.70 -3.62
C VAL A 38 -0.34 18.02 -4.77
N VAL A 39 -1.25 17.09 -5.06
CA VAL A 39 -2.29 17.31 -6.04
C VAL A 39 -3.51 17.85 -5.28
N GLY A 40 -3.76 19.15 -5.42
CA GLY A 40 -4.77 19.80 -4.62
C GLY A 40 -6.14 19.52 -5.15
N GLU A 41 -7.13 20.05 -4.44
CA GLU A 41 -8.53 19.72 -4.70
C GLU A 41 -9.38 20.94 -4.41
N THR A 42 -10.00 21.53 -5.46
CA THR A 42 -11.08 22.51 -5.34
C THR A 42 -10.62 23.88 -4.82
N ALA A 43 -9.31 24.10 -4.65
CA ALA A 43 -8.80 25.39 -4.16
C ALA A 43 -8.76 26.44 -5.26
N ARG A 44 -9.24 27.66 -4.95
CA ARG A 44 -9.35 28.81 -5.85
C ARG A 44 -8.17 29.75 -5.66
N ALA A 45 -7.55 30.17 -6.76
CA ALA A 45 -6.49 31.17 -6.66
C ALA A 45 -6.90 32.39 -5.85
N ASP A 46 -8.15 32.86 -6.00
CA ASP A 46 -8.45 34.15 -5.40
C ASP A 46 -8.77 34.08 -3.90
N HIS A 47 -8.76 32.89 -3.29
CA HIS A 47 -8.89 32.81 -1.83
C HIS A 47 -7.54 32.57 -1.15
N VAL A 48 -6.43 32.80 -1.85
CA VAL A 48 -5.09 32.69 -1.30
C VAL A 48 -4.63 34.07 -0.84
N SER A 49 -4.19 34.15 0.41
CA SER A 49 -3.62 35.38 0.94
C SER A 49 -2.59 35.99 -0.01
N PHE A 50 -1.63 35.17 -0.47
CA PHE A 50 -0.58 35.67 -1.36
C PHE A 50 -1.11 36.24 -2.66
N ASN A 51 -2.31 35.89 -3.10
CA ASN A 51 -2.84 36.45 -4.33
C ASN A 51 -3.71 37.67 -4.09
N GLY A 52 -3.76 38.16 -2.87
CA GLY A 52 -4.51 39.36 -2.56
C GLY A 52 -5.84 39.15 -1.88
N TYR A 53 -6.13 37.93 -1.40
CA TYR A 53 -7.38 37.69 -0.71
C TYR A 53 -7.42 38.44 0.63
N GLU A 54 -8.63 38.73 1.10
CA GLU A 54 -8.80 39.60 2.26
C GLU A 54 -8.56 38.89 3.57
N ARG A 55 -8.35 37.57 3.53
CA ARG A 55 -8.15 36.77 4.73
C ARG A 55 -6.83 36.01 4.62
N ASP A 56 -6.19 35.83 5.77
CA ASP A 56 -4.93 35.11 5.87
C ASP A 56 -5.26 33.62 5.87
N THR A 57 -5.36 33.05 4.68
CA THR A 57 -5.74 31.65 4.54
C THR A 57 -4.54 30.71 4.51
N PHE A 58 -3.33 31.25 4.43
CA PHE A 58 -2.11 30.42 4.42
C PHE A 58 -1.09 30.98 5.39
N PRO A 59 -1.40 31.00 6.69
CA PRO A 59 -0.43 31.52 7.66
C PRO A 59 0.82 30.67 7.79
N GLN A 60 0.70 29.33 7.76
CA GLN A 60 1.88 28.51 8.01
C GLN A 60 2.85 28.56 6.85
N LEU A 61 2.34 28.48 5.62
CA LEU A 61 3.22 28.58 4.46
C LEU A 61 3.96 29.90 4.46
N ALA A 62 3.32 30.96 4.95
CA ALA A 62 3.92 32.29 5.01
C ALA A 62 5.15 32.32 5.91
N LYS A 63 5.28 31.38 6.85
CA LYS A 63 6.44 31.33 7.74
C LYS A 63 7.63 30.63 7.12
N ILE A 64 7.48 29.99 5.97
CA ILE A 64 8.52 29.13 5.42
C ILE A 64 9.27 29.87 4.31
N ASP A 65 10.60 29.92 4.45
CA ASP A 65 11.45 30.50 3.43
C ASP A 65 11.55 29.56 2.23
N GLY A 66 11.72 30.15 1.05
CA GLY A 66 11.91 29.39 -0.18
C GLY A 66 10.63 28.95 -0.88
N VAL A 67 9.48 29.51 -0.52
CA VAL A 67 8.21 29.18 -1.16
C VAL A 67 7.92 30.21 -2.23
N THR A 68 7.61 29.75 -3.44
CA THR A 68 7.10 30.64 -4.47
C THR A 68 5.60 30.42 -4.63
N ASN A 69 4.83 31.51 -4.61
CA ASN A 69 3.40 31.50 -4.93
C ASN A 69 3.20 31.97 -6.36
N PHE A 70 2.50 31.19 -7.18
CA PHE A 70 2.27 31.55 -8.56
C PHE A 70 0.85 32.12 -8.72
N SER A 71 0.77 33.40 -9.09
CA SER A 71 -0.46 34.18 -9.09
C SER A 71 -1.27 34.08 -10.37
N ASN A 72 -0.78 33.37 -11.40
CA ASN A 72 -1.52 33.31 -12.68
C ASN A 72 -1.45 31.87 -13.26
N VAL A 73 -2.23 30.95 -12.68
CA VAL A 73 -2.27 29.56 -13.11
C VAL A 73 -3.71 29.20 -13.49
N THR A 74 -3.87 28.63 -14.67
CA THR A 74 -5.16 28.18 -15.19
C THR A 74 -5.15 26.66 -15.26
N SER A 75 -6.17 26.04 -14.69
CA SER A 75 -6.28 24.59 -14.73
C SER A 75 -6.67 24.11 -16.13
N CYS A 76 -6.31 22.85 -16.42
CA CYS A 76 -6.70 22.24 -17.69
C CYS A 76 -8.22 22.11 -17.80
N GLY A 77 -8.90 21.85 -16.69
CA GLY A 77 -10.34 21.71 -16.68
C GLY A 77 -10.96 22.05 -15.33
N THR A 78 -12.22 21.65 -15.13
CA THR A 78 -13.03 22.07 -14.00
C THR A 78 -13.45 20.90 -13.11
N SER A 79 -12.91 19.71 -13.32
CA SER A 79 -13.35 18.52 -12.59
C SER A 79 -12.13 17.64 -12.33
N TPO A 80 -12.23 16.78 -11.32
CA TPO A 80 -11.15 15.85 -10.96
CB TPO A 80 -11.52 15.10 -9.67
CG2 TPO A 80 -10.25 14.43 -9.14
OG1 TPO A 80 -11.96 16.01 -8.64
P TPO A 80 -13.58 16.10 -8.42
O1P TPO A 80 -14.31 16.26 -9.71
O2P TPO A 80 -14.08 14.79 -7.65
O3P TPO A 80 -13.85 17.39 -7.48
C TPO A 80 -10.84 14.87 -12.10
O TPO A 80 -9.67 14.68 -12.46
N ALA A 81 -11.87 14.28 -12.70
CA ALA A 81 -11.73 13.30 -13.79
C ALA A 81 -11.01 13.87 -15.01
N TYR A 82 -11.33 15.11 -15.33
CA TYR A 82 -10.73 15.75 -16.49
C TYR A 82 -9.34 16.31 -16.20
N SER A 83 -9.18 17.05 -15.10
CA SER A 83 -7.93 17.77 -14.86
C SER A 83 -6.79 16.86 -14.45
N VAL A 84 -7.02 15.90 -13.54
CA VAL A 84 -5.90 15.13 -12.96
C VAL A 84 -5.10 14.39 -14.03
N PRO A 85 -5.69 13.67 -14.99
CA PRO A 85 -4.85 13.06 -16.05
C PRO A 85 -4.16 14.10 -16.91
N CYS A 86 -4.82 15.22 -17.18
CA CYS A 86 -4.17 16.28 -17.95
C CYS A 86 -2.93 16.82 -17.25
N MET A 87 -2.97 16.86 -15.90
CA MET A 87 -1.84 17.37 -15.14
C MET A 87 -0.58 16.55 -15.38
N PHE A 88 -0.73 15.26 -15.65
CA PHE A 88 0.41 14.36 -15.85
C PHE A 88 0.63 14.02 -17.31
N SER A 89 -0.09 14.66 -18.23
CA SER A 89 -0.06 14.38 -19.67
C SER A 89 1.13 15.05 -20.35
N TYR A 90 1.53 14.46 -21.49
CA TYR A 90 2.49 15.07 -22.40
C TYR A 90 1.82 15.93 -23.45
N LEU A 91 0.49 15.87 -23.57
CA LEU A 91 -0.20 16.42 -24.72
C LEU A 91 -0.51 17.90 -24.59
N GLY A 92 -0.64 18.41 -23.37
CA GLY A 92 -1.07 19.77 -23.18
C GLY A 92 -2.57 19.92 -23.35
N ALA A 93 -3.10 20.97 -22.72
CA ALA A 93 -4.55 21.18 -22.67
C ALA A 93 -5.18 21.24 -24.06
N ASP A 94 -4.47 21.80 -25.05
CA ASP A 94 -5.06 21.98 -26.38
C ASP A 94 -5.25 20.67 -27.12
N GLU A 95 -4.41 19.68 -26.85
CA GLU A 95 -4.45 18.37 -27.50
C GLU A 95 -4.94 17.27 -26.58
N TYR A 96 -5.11 17.55 -25.29
CA TYR A 96 -5.50 16.53 -24.33
C TYR A 96 -6.88 16.00 -24.64
N ASP A 97 -7.02 14.66 -24.62
CA ASP A 97 -8.28 13.94 -24.79
C ASP A 97 -8.53 13.09 -23.54
N VAL A 98 -9.49 13.50 -22.72
CA VAL A 98 -9.76 12.77 -21.48
C VAL A 98 -10.10 11.30 -21.75
N ASP A 99 -10.74 11.01 -22.90
CA ASP A 99 -11.26 9.68 -23.13
C ASP A 99 -10.17 8.66 -23.43
N THR A 100 -9.06 9.09 -24.00
CA THR A 100 -7.95 8.17 -24.25
C THR A 100 -6.76 8.40 -23.34
N ALA A 101 -6.89 9.32 -22.37
CA ALA A 101 -5.74 9.72 -21.55
C ALA A 101 -5.12 8.50 -20.87
N LYS A 102 -5.95 7.55 -20.44
CA LYS A 102 -5.48 6.38 -19.68
C LYS A 102 -4.53 5.48 -20.47
N TYR A 103 -4.55 5.54 -21.81
CA TYR A 103 -3.68 4.73 -22.66
C TYR A 103 -2.43 5.49 -23.13
N GLN A 104 -2.29 6.75 -22.77
CA GLN A 104 -1.12 7.53 -23.13
C GLN A 104 -0.04 7.30 -22.10
N GLU A 105 1.21 7.15 -22.56
CA GLU A 105 2.34 7.30 -21.66
C GLU A 105 2.21 8.65 -20.98
N ASN A 106 2.34 8.67 -19.65
CA ASN A 106 2.29 9.92 -18.91
C ASN A 106 3.60 10.13 -18.17
N VAL A 107 3.75 11.30 -17.55
CA VAL A 107 5.05 11.69 -17.03
C VAL A 107 5.54 10.73 -15.95
N LEU A 108 4.62 10.16 -15.15
CA LEU A 108 5.01 9.17 -14.14
C LEU A 108 5.46 7.84 -14.76
N ASP A 109 4.88 7.43 -15.90
CA ASP A 109 5.40 6.25 -16.60
C ASP A 109 6.86 6.47 -16.97
N THR A 110 7.16 7.64 -17.52
CA THR A 110 8.52 7.96 -17.93
C THR A 110 9.50 7.92 -16.76
N LEU A 111 9.22 8.72 -15.70
CA LEU A 111 10.11 8.74 -14.53
C LEU A 111 10.31 7.35 -13.94
N ASP A 112 9.23 6.56 -13.81
CA ASP A 112 9.38 5.22 -13.27
C ASP A 112 10.22 4.34 -14.19
N ARG A 113 10.04 4.48 -15.51
CA ARG A 113 10.87 3.72 -16.44
C ARG A 113 12.34 4.06 -16.21
N LEU A 114 12.63 5.33 -15.92
CA LEU A 114 13.99 5.80 -15.70
C LEU A 114 14.52 5.49 -14.31
N GLY A 115 13.75 4.82 -13.47
CA GLY A 115 14.25 4.38 -12.19
C GLY A 115 13.88 5.28 -11.03
N VAL A 116 13.16 6.37 -11.26
CA VAL A 116 12.60 7.13 -10.16
C VAL A 116 11.52 6.29 -9.48
N SER A 117 11.60 6.21 -8.17
CA SER A 117 10.62 5.44 -7.40
C SER A 117 9.35 6.29 -7.24
N ILE A 118 8.21 5.79 -7.72
CA ILE A 118 6.96 6.57 -7.82
C ILE A 118 5.96 6.06 -6.78
N LEU A 119 5.49 6.96 -5.91
CA LEU A 119 4.50 6.62 -4.88
C LEU A 119 3.31 7.55 -5.03
N TRP A 120 2.08 6.98 -5.04
CA TRP A 120 0.85 7.75 -5.06
C TRP A 120 0.01 7.42 -3.81
N ARG A 121 -0.16 8.38 -2.92
CA ARG A 121 -1.09 8.26 -1.78
C ARG A 121 -2.33 9.10 -2.03
N ASP A 122 -3.50 8.55 -1.75
CA ASP A 122 -4.75 9.17 -2.18
C ASP A 122 -5.74 9.26 -1.03
N ASN A 123 -6.09 10.49 -0.64
CA ASN A 123 -7.15 10.76 0.32
C ASN A 123 -8.33 11.47 -0.35
N ASN A 124 -8.54 11.17 -1.63
CA ASN A 124 -9.48 11.95 -2.44
C ASN A 124 -10.47 11.01 -3.12
N SER A 125 -9.94 10.15 -3.99
CA SER A 125 -10.74 9.20 -4.75
C SER A 125 -9.77 8.15 -5.27
N ASP A 126 -9.25 8.36 -6.47
CA ASP A 126 -8.08 7.59 -6.93
C ASP A 126 -7.31 8.45 -7.93
N SER A 127 -6.33 7.85 -8.59
CA SER A 127 -5.46 8.61 -9.49
C SER A 127 -6.11 8.92 -10.83
N LYS A 128 -7.39 8.57 -11.02
CA LYS A 128 -8.13 8.86 -12.26
C LYS A 128 -7.39 8.29 -13.47
N GLY A 129 -6.76 7.13 -13.29
CA GLY A 129 -6.11 6.42 -14.36
C GLY A 129 -4.63 6.70 -14.49
N VAL A 130 -4.10 7.66 -13.73
CA VAL A 130 -2.71 8.07 -13.90
C VAL A 130 -1.75 6.95 -13.49
N MET A 131 -2.08 6.22 -12.41
CA MET A 131 -1.21 5.14 -11.92
C MET A 131 -1.53 3.77 -12.50
N ASP A 132 -2.42 3.68 -13.52
CA ASP A 132 -2.99 2.39 -13.93
C ASP A 132 -1.97 1.44 -14.54
N LYS A 133 -0.95 1.95 -15.27
CA LYS A 133 0.05 1.08 -15.88
C LYS A 133 1.14 0.67 -14.91
N LEU A 134 1.17 1.23 -13.71
CA LEU A 134 2.20 0.95 -12.73
C LEU A 134 1.71 -0.09 -11.72
N PRO A 135 2.63 -0.84 -11.10
CA PRO A 135 2.24 -1.84 -10.09
C PRO A 135 1.33 -1.23 -9.03
N LYS A 136 0.27 -1.98 -8.71
CA LYS A 136 -0.70 -1.52 -7.70
C LYS A 136 -0.05 -1.21 -6.37
N ALA A 137 1.09 -1.84 -6.07
CA ALA A 137 1.75 -1.58 -4.79
C ALA A 137 2.22 -0.15 -4.66
N GLN A 138 2.29 0.62 -5.76
CA GLN A 138 2.73 2.02 -5.72
C GLN A 138 1.56 3.01 -5.55
N PHE A 139 0.33 2.50 -5.43
CA PHE A 139 -0.83 3.31 -5.08
C PHE A 139 -1.34 2.84 -3.73
N ALA A 140 -1.72 3.79 -2.87
CA ALA A 140 -2.25 3.48 -1.55
C ALA A 140 -3.46 4.36 -1.25
N ASP A 141 -4.52 3.73 -0.77
CA ASP A 141 -5.77 4.42 -0.45
C ASP A 141 -5.66 4.94 0.98
N TYR A 142 -5.64 6.27 1.15
CA TYR A 142 -5.57 6.84 2.48
C TYR A 142 -6.90 7.38 2.97
N LYS A 143 -7.98 7.11 2.23
CA LYS A 143 -9.32 7.43 2.71
C LYS A 143 -9.78 6.47 3.80
N SER A 144 -9.14 5.30 3.92
CA SER A 144 -9.50 4.30 4.90
C SER A 144 -8.47 4.21 6.01
N ALA A 145 -8.93 3.88 7.22
CA ALA A 145 -8.04 3.75 8.37
C ALA A 145 -7.13 2.53 8.29
N THR A 146 -7.29 1.63 7.32
CA THR A 146 -6.28 0.59 7.18
C THR A 146 -4.93 1.17 6.77
N ASN A 147 -4.90 2.39 6.24
CA ASN A 147 -3.65 3.09 5.96
C ASN A 147 -3.47 4.36 6.77
N ASN A 148 -4.53 5.15 6.95
CA ASN A 148 -4.43 6.48 7.53
C ASN A 148 -4.66 6.41 9.06
N ALA A 149 -3.65 6.79 9.83
CA ALA A 149 -3.72 6.84 11.27
C ALA A 149 -4.43 8.09 11.81
N ILE A 150 -4.86 9.00 10.95
CA ILE A 150 -5.39 10.28 11.41
C ILE A 150 -6.79 10.49 10.85
N CYS A 151 -7.75 9.75 11.43
CA CYS A 151 -9.15 9.88 11.06
C CYS A 151 -10.07 10.22 12.24
N ASN A 152 -9.70 9.87 13.46
CA ASN A 152 -10.60 10.11 14.61
C ASN A 152 -10.27 11.41 15.32
N THR A 153 -10.09 12.47 14.55
CA THR A 153 -9.77 13.79 15.08
C THR A 153 -10.94 14.75 14.89
N ASN A 154 -12.09 14.22 14.51
CA ASN A 154 -13.24 15.03 14.15
C ASN A 154 -14.49 14.18 14.36
N PRO A 155 -15.67 14.81 14.50
CA PRO A 155 -16.89 14.02 14.75
C PRO A 155 -17.32 13.11 13.61
N TYR A 156 -16.73 13.22 12.42
CA TYR A 156 -17.13 12.40 11.28
C TYR A 156 -16.23 11.19 11.10
N ASN A 157 -15.14 11.10 11.88
CA ASN A 157 -14.04 10.16 11.64
C ASN A 157 -13.58 10.19 10.19
N GLU A 158 -13.59 11.39 9.59
CA GLU A 158 -13.07 11.52 8.22
C GLU A 158 -11.54 11.55 8.25
N CYS A 159 -10.91 10.71 7.43
CA CYS A 159 -9.45 10.64 7.44
C CYS A 159 -8.83 11.92 6.85
N ARG A 160 -7.72 12.39 7.45
CA ARG A 160 -7.17 13.70 7.13
C ARG A 160 -5.95 13.60 6.22
N ASP A 161 -5.77 14.65 5.38
CA ASP A 161 -4.65 14.67 4.42
C ASP A 161 -3.33 14.49 5.14
N VAL A 162 -3.14 15.14 6.30
CA VAL A 162 -1.88 15.00 7.04
C VAL A 162 -1.53 13.56 7.36
N GLY A 163 -2.52 12.66 7.39
CA GLY A 163 -2.24 11.26 7.53
C GLY A 163 -1.37 10.68 6.42
N MET A 164 -1.41 11.26 5.22
CA MET A 164 -0.57 10.75 4.13
C MET A 164 0.92 10.99 4.36
N LEU A 165 1.28 11.77 5.37
CA LEU A 165 2.68 11.96 5.70
C LEU A 165 3.22 10.87 6.61
N VAL A 166 2.36 10.18 7.36
CA VAL A 166 2.80 9.19 8.34
C VAL A 166 3.46 8.02 7.64
N GLY A 167 4.64 7.64 8.10
CA GLY A 167 5.30 6.48 7.56
C GLY A 167 6.10 6.75 6.30
N LEU A 168 6.14 7.99 5.83
CA LEU A 168 6.93 8.31 4.66
C LEU A 168 8.42 8.05 4.89
N ASP A 169 8.88 8.10 6.14
CA ASP A 169 10.28 7.78 6.43
C ASP A 169 10.57 6.31 6.13
N ASP A 170 9.59 5.43 6.33
CA ASP A 170 9.69 4.02 5.96
C ASP A 170 9.79 3.85 4.45
N PHE A 171 9.06 4.67 3.68
CA PHE A 171 9.21 4.63 2.22
C PHE A 171 10.59 5.10 1.80
N VAL A 172 11.07 6.21 2.40
CA VAL A 172 12.41 6.68 2.09
C VAL A 172 13.43 5.60 2.42
N ALA A 173 13.31 4.98 3.60
CA ALA A 173 14.30 3.99 4.02
C ALA A 173 14.39 2.83 3.04
N ALA A 174 13.25 2.35 2.55
CA ALA A 174 13.24 1.27 1.58
C ALA A 174 13.66 1.71 0.18
N ASN A 175 13.75 3.01 -0.08
CA ASN A 175 14.23 3.47 -1.37
C ASN A 175 15.57 4.17 -1.26
N ASN A 176 16.31 3.85 -0.20
CA ASN A 176 17.64 4.38 0.09
C ASN A 176 18.45 4.69 -1.16
N GLY A 177 18.79 5.96 -1.35
CA GLY A 177 19.70 6.36 -2.40
C GLY A 177 19.09 6.50 -3.79
N LYS A 178 17.81 6.24 -3.96
CA LYS A 178 17.14 6.43 -5.24
C LYS A 178 16.45 7.79 -5.30
N ASP A 179 16.21 8.26 -6.52
CA ASP A 179 15.29 9.38 -6.73
C ASP A 179 13.87 8.92 -6.43
N MET A 180 13.05 9.85 -5.95
CA MET A 180 11.76 9.50 -5.37
C MET A 180 10.77 10.64 -5.66
N LEU A 181 9.60 10.31 -6.20
CA LEU A 181 8.57 11.31 -6.46
C LEU A 181 7.29 10.79 -5.81
N ILE A 182 6.81 11.52 -4.80
CA ILE A 182 5.67 11.13 -3.99
C ILE A 182 4.51 12.06 -4.31
N MET A 183 3.42 11.53 -4.91
CA MET A 183 2.19 12.29 -5.12
C MET A 183 1.27 12.12 -3.92
N LEU A 184 0.77 13.23 -3.40
CA LEU A 184 -0.20 13.23 -2.29
C LEU A 184 -1.47 13.87 -2.79
N HIS A 185 -2.50 13.05 -3.06
CA HIS A 185 -3.74 13.52 -3.66
C HIS A 185 -4.72 13.89 -2.55
N GLN A 186 -4.92 15.18 -2.36
CA GLN A 186 -5.66 15.71 -1.21
C GLN A 186 -7.16 15.55 -1.33
N MET A 187 -7.81 15.33 -0.18
CA MET A 187 -9.23 15.65 -0.04
C MET A 187 -9.45 17.15 -0.21
N GLY A 188 -8.60 17.96 0.43
CA GLY A 188 -8.55 19.39 0.14
C GLY A 188 -9.87 20.08 0.41
N ASN A 189 -10.30 20.94 -0.53
CA ASN A 189 -11.51 21.71 -0.38
C ASN A 189 -12.72 21.07 -1.05
N HIS A 190 -12.74 19.75 -1.17
CA HIS A 190 -13.83 19.09 -1.87
C HIS A 190 -15.19 19.43 -1.22
N GLY A 191 -16.17 19.80 -2.06
CA GLY A 191 -17.50 20.08 -1.59
C GLY A 191 -18.49 18.97 -1.93
N PRO A 192 -19.78 19.17 -1.63
CA PRO A 192 -20.43 20.37 -1.06
C PRO A 192 -20.14 20.58 0.44
N ALA A 193 -19.71 19.54 1.16
CA ALA A 193 -19.63 19.62 2.62
C ALA A 193 -18.28 20.16 3.08
N TYR A 194 -18.03 21.44 2.77
CA TYR A 194 -16.77 22.07 3.16
C TYR A 194 -16.53 21.99 4.66
N PHE A 195 -17.61 22.06 5.46
CA PHE A 195 -17.50 22.05 6.92
C PHE A 195 -16.87 20.77 7.43
N LYS A 196 -17.02 19.66 6.69
CA LYS A 196 -16.47 18.39 7.12
C LYS A 196 -14.96 18.27 6.90
N ARG A 197 -14.36 19.20 6.16
CA ARG A 197 -13.05 19.02 5.54
C ARG A 197 -11.88 19.45 6.43
N TYR A 198 -12.15 19.94 7.65
CA TYR A 198 -11.12 20.47 8.55
C TYR A 198 -11.45 20.14 9.99
N ASP A 199 -10.42 19.98 10.82
CA ASP A 199 -10.68 19.80 12.24
C ASP A 199 -10.97 21.14 12.92
N GLU A 200 -11.43 21.04 14.18
CA GLU A 200 -11.90 22.21 14.93
C GLU A 200 -10.84 23.29 15.05
N LYS A 201 -9.57 22.91 15.14
CA LYS A 201 -8.53 23.93 15.23
C LYS A 201 -8.48 24.85 14.02
N PHE A 202 -9.11 24.48 12.91
CA PHE A 202 -9.08 25.32 11.72
C PHE A 202 -10.38 26.09 11.50
N ALA A 203 -11.31 26.00 12.46
CA ALA A 203 -12.59 26.70 12.38
C ALA A 203 -12.43 28.18 12.79
N LYS A 204 -11.63 28.90 12.00
CA LYS A 204 -11.34 30.30 12.31
C LYS A 204 -12.47 31.24 11.93
N PHE A 205 -13.20 30.92 10.86
CA PHE A 205 -14.18 31.84 10.29
C PHE A 205 -15.57 31.25 10.51
N THR A 206 -16.40 31.97 11.25
CA THR A 206 -17.68 31.48 11.73
C THR A 206 -18.73 32.56 11.53
N PRO A 207 -20.02 32.19 11.47
CA PRO A 207 -20.59 30.83 11.47
C PRO A 207 -20.31 30.13 10.14
N VAL A 208 -20.68 28.85 10.00
CA VAL A 208 -20.35 28.09 8.82
C VAL A 208 -21.59 27.38 8.30
N CYS A 209 -21.63 27.24 6.98
CA CYS A 209 -22.67 26.45 6.32
C CYS A 209 -22.47 24.98 6.64
N GLU A 210 -23.57 24.27 6.93
CA GLU A 210 -23.47 22.85 7.24
C GLU A 210 -24.52 22.01 6.52
N GLY A 211 -25.04 22.49 5.39
CA GLY A 211 -25.99 21.72 4.61
C GLY A 211 -25.52 21.36 3.22
N ASN A 212 -26.16 20.35 2.61
CA ASN A 212 -25.81 19.98 1.24
C ASN A 212 -26.46 20.88 0.21
N GLU A 213 -27.46 21.68 0.60
CA GLU A 213 -28.05 22.67 -0.29
C GLU A 213 -27.29 23.99 -0.16
N LEU A 214 -26.15 24.04 -0.83
CA LEU A 214 -25.53 25.33 -1.08
C LEU A 214 -26.48 26.12 -1.98
N ALA A 215 -26.64 27.41 -1.67
CA ALA A 215 -27.60 28.36 -2.23
C ALA A 215 -28.69 28.63 -1.21
N LYS A 216 -29.10 27.59 -0.48
CA LYS A 216 -29.89 27.81 0.73
C LYS A 216 -29.04 28.25 1.92
N CYS A 217 -27.71 28.24 1.81
CA CYS A 217 -26.86 28.70 2.90
C CYS A 217 -26.63 30.22 2.80
N GLU A 218 -26.49 30.87 3.95
CA GLU A 218 -26.04 32.26 3.93
C GLU A 218 -24.68 32.32 3.25
N HIS A 219 -24.51 33.27 2.32
CA HIS A 219 -23.31 33.26 1.48
C HIS A 219 -22.04 33.40 2.29
N GLN A 220 -22.06 34.26 3.30
CA GLN A 220 -20.88 34.45 4.16
C GLN A 220 -20.55 33.15 4.89
N SER A 221 -21.56 32.43 5.34
CA SER A 221 -21.33 31.19 6.06
CA SER A 221 -21.32 31.19 6.06
C SER A 221 -20.74 30.11 5.15
N LEU A 222 -21.10 30.14 3.87
CA LEU A 222 -20.50 29.22 2.92
C LEU A 222 -19.03 29.57 2.68
N ILE A 223 -18.76 30.85 2.45
CA ILE A 223 -17.38 31.32 2.31
C ILE A 223 -16.56 30.93 3.53
N ASN A 224 -17.17 31.01 4.73
CA ASN A 224 -16.43 30.74 5.95
C ASN A 224 -16.00 29.28 6.02
N ALA A 225 -16.91 28.35 5.74
CA ALA A 225 -16.51 26.93 5.70
C ALA A 225 -15.45 26.69 4.65
N TYR A 226 -15.57 27.34 3.48
CA TYR A 226 -14.58 27.16 2.41
C TYR A 226 -13.19 27.60 2.86
N ASP A 227 -13.12 28.76 3.54
CA ASP A 227 -11.84 29.31 3.98
C ASP A 227 -11.22 28.48 5.09
N ASN A 228 -12.04 27.99 6.03
CA ASN A 228 -11.52 27.12 7.07
C ASN A 228 -10.85 25.89 6.45
N ALA A 229 -11.44 25.33 5.38
CA ALA A 229 -10.84 24.18 4.72
C ALA A 229 -9.50 24.55 4.09
N LEU A 230 -9.34 25.80 3.62
CA LEU A 230 -8.04 26.23 3.13
C LEU A 230 -6.99 26.25 4.26
N LEU A 231 -7.39 26.63 5.49
CA LEU A 231 -6.42 26.63 6.58
C LEU A 231 -5.91 25.22 6.86
N ALA A 232 -6.79 24.22 6.77
CA ALA A 232 -6.36 22.83 6.90
C ALA A 232 -5.36 22.46 5.80
N THR A 233 -5.56 22.98 4.57
CA THR A 233 -4.63 22.68 3.49
C THR A 233 -3.30 23.40 3.70
N ASP A 234 -3.36 24.68 4.09
CA ASP A 234 -2.15 25.39 4.50
C ASP A 234 -1.34 24.56 5.49
N ASP A 235 -2.03 24.02 6.51
CA ASP A 235 -1.36 23.20 7.51
C ASP A 235 -0.71 21.95 6.88
N PHE A 236 -1.44 21.29 5.99
CA PHE A 236 -0.94 20.07 5.35
C PHE A 236 0.29 20.35 4.49
N ILE A 237 0.29 21.44 3.71
CA ILE A 237 1.42 21.75 2.85
C ILE A 237 2.65 22.12 3.69
N ALA A 238 2.46 22.91 4.74
CA ALA A 238 3.56 23.23 5.65
C ALA A 238 4.17 21.97 6.25
N GLN A 239 3.33 21.08 6.76
CA GLN A 239 3.82 19.83 7.32
C GLN A 239 4.56 19.00 6.28
N SER A 240 4.09 19.04 5.02
CA SER A 240 4.79 18.34 3.94
C SER A 240 6.20 18.87 3.78
N ILE A 241 6.34 20.20 3.72
CA ILE A 241 7.66 20.81 3.60
C ILE A 241 8.51 20.48 4.82
N GLN A 242 7.89 20.50 6.01
CA GLN A 242 8.65 20.22 7.22
C GLN A 242 9.16 18.79 7.20
N TRP A 243 8.35 17.85 6.71
CA TRP A 243 8.81 16.47 6.57
C TRP A 243 9.97 16.38 5.60
N LEU A 244 9.87 17.08 4.46
CA LEU A 244 10.97 17.10 3.49
C LEU A 244 12.25 17.68 4.11
N GLN A 245 12.13 18.74 4.92
CA GLN A 245 13.31 19.36 5.51
C GLN A 245 14.09 18.38 6.38
N THR A 246 13.43 17.37 6.94
CA THR A 246 14.15 16.40 7.74
C THR A 246 15.05 15.48 6.91
N HIS A 247 14.93 15.50 5.58
CA HIS A 247 15.80 14.71 4.73
C HIS A 247 16.73 15.57 3.87
N SER A 248 16.80 16.87 4.13
CA SER A 248 17.47 17.79 3.20
C SER A 248 18.98 17.62 3.16
N ASN A 249 19.58 16.86 4.07
CA ASN A 249 21.02 16.70 4.01
C ASN A 249 21.42 15.57 3.07
N ALA A 250 20.69 14.45 3.13
CA ALA A 250 20.92 13.35 2.21
C ALA A 250 20.27 13.57 0.84
N TYR A 251 19.19 14.36 0.75
CA TYR A 251 18.45 14.51 -0.49
C TYR A 251 18.27 15.97 -0.86
N ASP A 252 18.20 16.21 -2.17
CA ASP A 252 17.72 17.48 -2.73
C ASP A 252 16.19 17.45 -2.71
N VAL A 253 15.57 18.23 -1.81
CA VAL A 253 14.13 18.11 -1.55
C VAL A 253 13.37 19.31 -2.13
N SER A 254 12.20 19.02 -2.71
CA SER A 254 11.34 20.04 -3.28
C SER A 254 9.89 19.62 -3.13
N MET A 255 9.00 20.62 -3.16
CA MET A 255 7.58 20.38 -2.97
C MET A 255 6.84 21.21 -4.00
N LEU A 256 6.03 20.56 -4.84
CA LEU A 256 5.14 21.23 -5.78
C LEU A 256 3.69 21.05 -5.36
N TYR A 257 2.92 22.14 -5.33
CA TYR A 257 1.49 22.10 -5.06
C TYR A 257 0.76 22.73 -6.24
N VAL A 258 -0.24 22.03 -6.77
CA VAL A 258 -1.18 22.62 -7.76
C VAL A 258 -2.56 22.05 -7.54
N SER A 259 -3.58 22.92 -7.50
CA SER A 259 -4.95 22.43 -7.42
C SER A 259 -5.42 21.90 -8.78
N ASP A 260 -6.30 20.89 -8.74
CA ASP A 260 -6.87 20.35 -9.98
C ASP A 260 -7.84 21.32 -10.66
N HIS A 261 -8.53 22.17 -9.89
CA HIS A 261 -9.47 23.13 -10.43
C HIS A 261 -9.95 23.99 -9.26
N GLY A 262 -10.67 25.05 -9.58
CA GLY A 262 -11.27 25.94 -8.58
C GLY A 262 -12.65 25.50 -8.17
N GLU A 263 -13.51 26.47 -7.87
CA GLU A 263 -14.83 26.23 -7.30
C GLU A 263 -15.66 27.50 -7.45
N SER A 264 -16.90 27.34 -7.87
CA SER A 264 -17.84 28.46 -7.86
C SER A 264 -18.53 28.52 -6.51
N LEU A 265 -18.66 29.73 -5.97
CA LEU A 265 -19.24 29.88 -4.64
C LEU A 265 -20.45 30.81 -4.68
N GLY A 266 -21.35 30.57 -5.62
CA GLY A 266 -22.56 31.36 -5.76
C GLY A 266 -22.52 32.46 -6.79
N GLU A 267 -21.40 32.66 -7.48
CA GLU A 267 -21.33 33.70 -8.50
C GLU A 267 -22.28 33.35 -9.64
N ASN A 268 -23.21 34.27 -9.94
CA ASN A 268 -24.21 34.09 -10.99
C ASN A 268 -25.02 32.83 -10.78
N GLY A 269 -25.24 32.44 -9.54
CA GLY A 269 -26.04 31.28 -9.26
C GLY A 269 -25.35 29.94 -9.44
N VAL A 270 -24.01 29.93 -9.55
CA VAL A 270 -23.25 28.71 -9.86
C VAL A 270 -22.54 28.22 -8.59
N TYR A 271 -22.64 26.92 -8.34
CA TYR A 271 -21.97 26.28 -7.22
C TYR A 271 -21.18 25.08 -7.70
N LEU A 272 -20.26 24.64 -6.85
CA LEU A 272 -19.43 23.45 -7.06
C LEU A 272 -18.59 23.71 -8.31
N HIS A 273 -18.32 22.71 -9.14
CA HIS A 273 -17.42 22.88 -10.29
C HIS A 273 -17.93 21.97 -11.41
N GLY A 274 -17.02 21.58 -12.31
CA GLY A 274 -17.37 20.71 -13.42
C GLY A 274 -18.07 21.37 -14.59
N MET A 275 -18.13 22.70 -14.64
CA MET A 275 -18.70 23.34 -15.81
C MET A 275 -17.83 23.06 -17.03
N PRO A 276 -18.41 22.72 -18.18
CA PRO A 276 -17.61 22.54 -19.39
C PRO A 276 -16.76 23.78 -19.67
N ASN A 277 -15.54 23.54 -20.18
CA ASN A 277 -14.57 24.61 -20.39
C ASN A 277 -15.12 25.73 -21.28
N ALA A 278 -15.98 25.39 -22.23
CA ALA A 278 -16.48 26.37 -23.19
C ALA A 278 -17.26 27.50 -22.52
N PHE A 279 -17.89 27.22 -21.38
CA PHE A 279 -18.62 28.28 -20.68
C PHE A 279 -18.32 28.31 -19.18
N ALA A 280 -17.18 27.77 -18.76
CA ALA A 280 -16.88 27.68 -17.34
C ALA A 280 -16.44 29.03 -16.79
N PRO A 281 -16.95 29.45 -15.64
CA PRO A 281 -16.49 30.70 -15.03
C PRO A 281 -15.05 30.63 -14.58
N LYS A 282 -14.40 31.80 -14.53
CA LYS A 282 -12.97 31.84 -14.26
C LYS A 282 -12.64 31.26 -12.88
N GLU A 283 -13.59 31.36 -11.94
CA GLU A 283 -13.42 30.79 -10.60
C GLU A 283 -13.15 29.30 -10.64
N GLN A 284 -13.66 28.61 -11.66
CA GLN A 284 -13.47 27.17 -11.72
C GLN A 284 -12.13 26.77 -12.30
N ARG A 285 -11.40 27.71 -12.94
CA ARG A 285 -10.13 27.35 -13.55
C ARG A 285 -8.91 28.11 -13.03
N SER A 286 -9.10 29.16 -12.22
CA SER A 286 -7.99 29.91 -11.65
CA SER A 286 -7.99 29.91 -11.64
C SER A 286 -7.55 29.24 -10.35
N VAL A 287 -6.41 28.56 -10.38
CA VAL A 287 -5.95 27.73 -9.25
C VAL A 287 -4.66 28.25 -8.62
N PRO A 288 -4.42 27.94 -7.35
CA PRO A 288 -3.13 28.28 -6.73
C PRO A 288 -2.06 27.25 -7.08
N ALA A 289 -0.82 27.71 -7.04
CA ALA A 289 0.31 26.81 -7.19
C ALA A 289 1.43 27.33 -6.32
N PHE A 290 2.09 26.42 -5.61
CA PHE A 290 3.24 26.77 -4.79
C PHE A 290 4.38 25.85 -5.17
N PHE A 291 5.59 26.40 -5.13
CA PHE A 291 6.80 25.61 -5.25
C PHE A 291 7.74 26.00 -4.13
N TRP A 292 8.24 24.99 -3.43
CA TRP A 292 9.25 25.14 -2.40
C TRP A 292 10.43 24.24 -2.76
N THR A 293 11.64 24.71 -2.47
CA THR A 293 12.82 23.87 -2.63
C THR A 293 13.89 24.28 -1.63
N ASP A 294 14.73 23.31 -1.26
CA ASP A 294 15.88 23.60 -0.39
C ASP A 294 16.96 24.38 -1.15
N LYS A 295 17.69 25.21 -0.41
CA LYS A 295 18.73 26.03 -1.04
C LYS A 295 19.79 25.18 -1.73
N GLN A 296 20.01 23.96 -1.27
CA GLN A 296 21.06 23.11 -1.84
C GLN A 296 20.74 22.64 -3.24
N THR A 297 19.47 22.68 -3.65
CA THR A 297 19.06 21.92 -4.83
C THR A 297 19.48 22.56 -6.14
N GLY A 298 19.77 23.87 -6.15
CA GLY A 298 20.04 24.55 -7.39
C GLY A 298 18.84 24.79 -8.26
N ILE A 299 17.64 24.40 -7.81
CA ILE A 299 16.44 24.61 -8.59
C ILE A 299 16.00 26.06 -8.39
N THR A 300 15.69 26.75 -9.49
CA THR A 300 15.26 28.14 -9.46
C THR A 300 13.82 28.29 -9.96
N PRO A 301 12.94 28.93 -9.18
CA PRO A 301 11.57 29.13 -9.65
C PRO A 301 11.51 30.15 -10.77
N MET A 302 10.54 29.97 -11.66
CA MET A 302 10.15 31.02 -12.59
C MET A 302 9.54 32.19 -11.83
N ALA A 303 9.37 33.31 -12.56
CA ALA A 303 8.74 34.47 -11.95
C ALA A 303 7.35 34.10 -11.43
N THR A 304 7.08 34.56 -10.22
CA THR A 304 5.81 34.54 -9.51
C THR A 304 4.58 34.77 -10.40
N ASP A 305 4.66 35.75 -11.31
CA ASP A 305 3.54 36.13 -12.16
C ASP A 305 3.64 35.57 -13.58
N THR A 306 4.45 34.54 -13.82
CA THR A 306 4.48 33.89 -15.13
C THR A 306 3.10 33.34 -15.45
N VAL A 307 2.60 33.64 -16.66
CA VAL A 307 1.37 33.03 -17.12
C VAL A 307 1.60 31.53 -17.23
N LEU A 308 0.87 30.75 -16.43
CA LEU A 308 1.14 29.33 -16.30
C LEU A 308 -0.17 28.54 -16.35
N THR A 309 -0.07 27.27 -16.72
CA THR A 309 -1.21 26.37 -16.80
C THR A 309 -0.77 25.00 -16.30
N HIS A 310 -1.72 24.06 -16.21
CA HIS A 310 -1.35 22.68 -15.88
C HIS A 310 -0.31 22.12 -16.85
N ASP A 311 -0.23 22.65 -18.08
CA ASP A 311 0.78 22.20 -19.03
C ASP A 311 2.21 22.30 -18.46
N ALA A 312 2.43 23.18 -17.47
CA ALA A 312 3.76 23.34 -16.88
C ALA A 312 4.14 22.21 -15.93
N ILE A 313 3.19 21.38 -15.51
CA ILE A 313 3.52 20.40 -14.48
C ILE A 313 4.48 19.36 -15.02
N THR A 314 4.16 18.77 -16.17
CA THR A 314 4.99 17.68 -16.69
C THR A 314 6.42 18.11 -16.94
N PRO A 315 6.69 19.22 -17.64
CA PRO A 315 8.09 19.68 -17.73
C PRO A 315 8.71 19.98 -16.37
N THR A 316 7.91 20.40 -15.37
CA THR A 316 8.50 20.70 -14.07
C THR A 316 9.01 19.41 -13.43
N LEU A 317 8.19 18.36 -13.46
CA LEU A 317 8.57 17.09 -12.85
C LEU A 317 9.80 16.49 -13.54
N LEU A 318 9.87 16.59 -14.87
CA LEU A 318 11.06 16.12 -15.57
C LEU A 318 12.31 16.91 -15.16
N LYS A 319 12.21 18.25 -15.09
CA LYS A 319 13.40 19.04 -14.77
C LYS A 319 13.88 18.76 -13.35
N LEU A 320 12.95 18.55 -12.42
CA LEU A 320 13.34 18.27 -11.04
C LEU A 320 14.26 17.05 -10.97
N PHE A 321 14.09 16.10 -11.89
CA PHE A 321 14.90 14.88 -11.87
C PHE A 321 15.97 14.86 -12.97
N ASP A 322 16.22 16.00 -13.60
CA ASP A 322 17.31 16.13 -14.59
C ASP A 322 17.03 15.26 -15.82
N VAL A 323 15.76 15.18 -16.22
CA VAL A 323 15.31 14.37 -17.35
C VAL A 323 14.88 15.32 -18.46
N THR A 324 15.29 15.01 -19.69
CA THR A 324 14.88 15.75 -20.87
C THR A 324 14.08 14.82 -21.77
N ALA A 325 13.10 15.41 -22.47
CA ALA A 325 12.25 14.67 -23.41
C ALA A 325 11.79 15.66 -24.47
N ASP A 326 11.87 15.24 -25.75
CA ASP A 326 11.66 16.19 -26.84
C ASP A 326 10.28 16.81 -26.81
N LYS A 327 9.24 16.01 -26.52
CA LYS A 327 7.89 16.55 -26.64
C LYS A 327 7.63 17.77 -25.74
N VAL A 328 8.40 17.96 -24.67
CA VAL A 328 8.19 19.13 -23.82
C VAL A 328 9.45 20.00 -23.69
N LYS A 329 10.38 19.88 -24.66
CA LYS A 329 11.68 20.54 -24.55
C LYS A 329 11.55 22.05 -24.38
N ASP A 330 10.66 22.68 -25.15
CA ASP A 330 10.53 24.13 -25.12
C ASP A 330 9.45 24.61 -24.16
N ARG A 331 8.78 23.71 -23.45
CA ARG A 331 7.56 24.07 -22.74
C ARG A 331 7.88 24.78 -21.43
N THR A 332 7.19 25.91 -21.18
CA THR A 332 7.34 26.64 -19.93
C THR A 332 7.00 25.75 -18.73
N ALA A 333 7.84 25.82 -17.70
CA ALA A 333 7.66 25.07 -16.47
C ALA A 333 7.50 26.04 -15.31
N PHE A 334 7.28 25.49 -14.11
CA PHE A 334 7.29 26.32 -12.90
C PHE A 334 8.70 26.72 -12.49
N ILE A 335 9.71 26.03 -13.00
CA ILE A 335 11.09 26.22 -12.60
C ILE A 335 11.92 26.43 -13.87
N ARG A 336 13.13 26.99 -13.70
CA ARG A 336 14.07 27.23 -14.80
C ARG A 336 14.62 25.93 -15.35
N THR B 14 24.19 -25.82 17.58
CA THR B 14 23.27 -24.77 17.14
C THR B 14 23.92 -23.40 17.42
N ILE B 15 23.73 -22.43 16.52
CA ILE B 15 24.30 -21.10 16.65
C ILE B 15 23.17 -20.15 17.07
N TYR B 16 23.20 -19.68 18.31
CA TYR B 16 22.08 -18.91 18.85
C TYR B 16 22.11 -17.46 18.37
N HIS B 17 20.90 -16.90 18.17
CA HIS B 17 20.73 -15.51 17.78
C HIS B 17 19.81 -14.72 18.70
N ALA B 18 19.22 -15.35 19.73
CA ALA B 18 18.29 -14.64 20.60
C ALA B 18 18.31 -15.25 21.99
N LYS B 19 19.50 -15.65 22.46
CA LYS B 19 19.63 -16.11 23.84
C LYS B 19 19.10 -15.09 24.84
N ASP B 20 19.17 -13.80 24.50
CA ASP B 20 18.71 -12.75 25.40
C ASP B 20 17.19 -12.62 25.44
N ALA B 21 16.46 -13.41 24.67
CA ALA B 21 15.03 -13.20 24.53
C ALA B 21 14.28 -13.55 25.81
N VAL B 22 13.25 -12.76 26.11
CA VAL B 22 12.49 -12.89 27.35
C VAL B 22 11.04 -12.52 27.06
N GLN B 23 10.12 -13.06 27.86
CA GLN B 23 8.69 -12.82 27.71
C GLN B 23 8.22 -11.90 28.82
N ALA B 24 7.69 -10.74 28.45
CA ALA B 24 7.34 -9.71 29.43
C ALA B 24 6.20 -10.15 30.33
N THR B 25 5.16 -10.73 29.76
CA THR B 25 4.03 -11.22 30.53
C THR B 25 3.78 -12.69 30.20
N LYS B 26 3.40 -13.45 31.23
CA LYS B 26 3.14 -14.89 31.13
C LYS B 26 1.65 -15.15 31.06
N PRO B 27 1.24 -16.33 30.54
CA PRO B 27 -0.20 -16.61 30.40
C PRO B 27 -0.96 -16.77 31.72
N ASP B 28 -0.28 -16.73 32.88
CA ASP B 28 -0.97 -16.73 34.16
C ASP B 28 -1.03 -15.35 34.81
N MET B 29 -0.38 -14.34 34.21
CA MET B 29 -0.56 -12.94 34.55
C MET B 29 -1.58 -12.24 33.66
N ARG B 30 -2.01 -12.89 32.58
CA ARG B 30 -2.86 -12.28 31.57
C ARG B 30 -3.48 -13.37 30.70
N LYS B 31 -4.38 -12.96 29.81
CA LYS B 31 -5.04 -13.90 28.91
C LYS B 31 -4.03 -14.66 28.07
N PRO B 32 -4.19 -15.97 27.89
CA PRO B 32 -3.26 -16.72 27.05
C PRO B 32 -3.51 -16.38 25.57
N ARG B 33 -2.49 -16.61 24.76
CA ARG B 33 -2.48 -16.14 23.38
C ARG B 33 -2.47 -17.30 22.41
N LEU B 34 -3.41 -17.28 21.46
CA LEU B 34 -3.64 -18.37 20.52
C LEU B 34 -3.56 -17.80 19.11
N VAL B 35 -2.58 -18.25 18.33
CA VAL B 35 -2.26 -17.66 17.03
C VAL B 35 -2.13 -18.77 16.00
N VAL B 36 -2.86 -18.64 14.89
CA VAL B 36 -2.65 -19.46 13.71
C VAL B 36 -1.81 -18.68 12.71
N PHE B 37 -0.72 -19.29 12.26
CA PHE B 37 0.15 -18.75 11.22
C PHE B 37 0.00 -19.70 10.03
N VAL B 38 -0.78 -19.27 9.03
CA VAL B 38 -0.90 -20.01 7.78
C VAL B 38 0.29 -19.69 6.89
N VAL B 39 1.10 -20.70 6.62
CA VAL B 39 2.25 -20.60 5.72
C VAL B 39 1.72 -20.96 4.33
N GLY B 40 1.47 -19.95 3.52
CA GLY B 40 0.90 -20.14 2.20
C GLY B 40 1.88 -20.70 1.19
N GLU B 41 1.38 -20.90 -0.01
CA GLU B 41 2.14 -21.63 -1.03
C GLU B 41 1.75 -21.15 -2.42
N THR B 42 2.72 -20.54 -3.14
CA THR B 42 2.59 -20.20 -4.56
C THR B 42 1.51 -19.13 -4.83
N ALA B 43 1.06 -18.38 -3.83
CA ALA B 43 0.05 -17.36 -4.07
C ALA B 43 0.72 -16.04 -4.47
N ARG B 44 0.23 -15.43 -5.57
CA ARG B 44 0.73 -14.13 -6.04
C ARG B 44 -0.12 -13.00 -5.50
N ALA B 45 0.55 -11.94 -5.05
CA ALA B 45 -0.17 -10.78 -4.56
C ALA B 45 -1.12 -10.20 -5.61
N ASP B 46 -0.78 -10.30 -6.90
CA ASP B 46 -1.55 -9.58 -7.91
C ASP B 46 -2.79 -10.35 -8.38
N HIS B 47 -3.10 -11.49 -7.77
CA HIS B 47 -4.36 -12.17 -8.00
C HIS B 47 -5.26 -12.12 -6.76
N VAL B 48 -4.88 -11.32 -5.79
CA VAL B 48 -5.73 -11.02 -4.65
C VAL B 48 -6.64 -9.86 -5.00
N SER B 49 -7.95 -10.07 -4.82
CA SER B 49 -8.93 -9.01 -4.98
C SER B 49 -8.51 -7.74 -4.24
N PHE B 50 -8.10 -7.88 -2.97
CA PHE B 50 -7.74 -6.72 -2.16
C PHE B 50 -6.55 -5.93 -2.72
N ASN B 51 -5.73 -6.54 -3.58
CA ASN B 51 -4.65 -5.80 -4.23
C ASN B 51 -5.04 -5.30 -5.62
N GLY B 52 -6.35 -5.21 -5.89
CA GLY B 52 -6.83 -4.67 -7.15
C GLY B 52 -7.00 -5.66 -8.27
N TYR B 53 -7.19 -6.95 -7.97
CA TYR B 53 -7.38 -7.94 -9.02
C TYR B 53 -8.82 -7.91 -9.50
N GLU B 54 -9.01 -8.22 -10.79
CA GLU B 54 -10.31 -7.98 -11.41
C GLU B 54 -11.34 -9.02 -11.04
N ARG B 55 -10.91 -10.14 -10.46
CA ARG B 55 -11.79 -11.20 -10.01
C ARG B 55 -11.83 -11.25 -8.49
N ASP B 56 -12.98 -11.63 -7.95
CA ASP B 56 -13.13 -11.72 -6.50
C ASP B 56 -12.59 -13.07 -6.04
N THR B 57 -11.30 -13.09 -5.72
CA THR B 57 -10.63 -14.33 -5.31
C THR B 57 -10.67 -14.54 -3.80
N PHE B 58 -11.01 -13.53 -3.01
CA PHE B 58 -11.11 -13.68 -1.56
C PHE B 58 -12.45 -13.17 -1.05
N PRO B 59 -13.56 -13.75 -1.52
CA PRO B 59 -14.89 -13.25 -1.11
C PRO B 59 -15.22 -13.50 0.35
N GLN B 60 -14.73 -14.58 0.95
CA GLN B 60 -15.06 -14.85 2.34
C GLN B 60 -14.29 -13.92 3.28
N LEU B 61 -12.99 -13.72 3.05
CA LEU B 61 -12.22 -12.83 3.90
C LEU B 61 -12.74 -11.40 3.82
N ALA B 62 -13.33 -11.01 2.68
CA ALA B 62 -13.86 -9.67 2.52
C ALA B 62 -15.05 -9.38 3.42
N LYS B 63 -15.73 -10.42 3.93
CA LYS B 63 -16.85 -10.23 4.84
C LYS B 63 -16.48 -10.40 6.31
N ILE B 64 -15.19 -10.43 6.65
CA ILE B 64 -14.75 -10.57 8.04
C ILE B 64 -14.15 -9.25 8.50
N ASP B 65 -14.61 -8.77 9.66
CA ASP B 65 -14.08 -7.57 10.28
C ASP B 65 -12.70 -7.82 10.88
N GLY B 66 -11.82 -6.84 10.75
CA GLY B 66 -10.51 -6.92 11.37
C GLY B 66 -9.45 -7.61 10.56
N VAL B 67 -9.68 -7.81 9.27
CA VAL B 67 -8.70 -8.39 8.37
C VAL B 67 -7.92 -7.26 7.73
N THR B 68 -6.60 -7.29 7.85
CA THR B 68 -5.72 -6.34 7.16
C THR B 68 -5.04 -7.04 6.00
N ASN B 69 -5.14 -6.43 4.81
CA ASN B 69 -4.40 -6.87 3.64
C ASN B 69 -3.18 -5.98 3.50
N PHE B 70 -2.02 -6.59 3.24
CA PHE B 70 -0.78 -5.85 3.05
C PHE B 70 -0.44 -5.88 1.56
N SER B 71 -0.35 -4.69 0.94
CA SER B 71 -0.27 -4.58 -0.52
C SER B 71 1.16 -4.62 -1.07
N ASN B 72 2.18 -4.63 -0.21
CA ASN B 72 3.56 -4.52 -0.65
C ASN B 72 4.45 -5.42 0.21
N VAL B 73 4.38 -6.72 -0.06
CA VAL B 73 5.19 -7.73 0.62
C VAL B 73 5.96 -8.48 -0.44
N THR B 74 7.26 -8.69 -0.20
CA THR B 74 8.12 -9.39 -1.14
C THR B 74 8.78 -10.56 -0.43
N SER B 75 8.77 -11.73 -1.08
CA SER B 75 9.27 -12.94 -0.46
C SER B 75 10.79 -12.95 -0.40
N CYS B 76 11.33 -13.69 0.59
CA CYS B 76 12.76 -13.91 0.70
C CYS B 76 13.33 -14.57 -0.55
N GLY B 77 12.62 -15.54 -1.11
CA GLY B 77 13.07 -16.23 -2.30
C GLY B 77 11.92 -16.65 -3.19
N THR B 78 12.19 -17.53 -4.15
CA THR B 78 11.20 -17.99 -5.12
C THR B 78 10.89 -19.48 -4.99
N SER B 79 11.25 -20.10 -3.87
CA SER B 79 11.00 -21.52 -3.67
C SER B 79 10.67 -21.83 -2.21
N TPO B 80 10.12 -23.01 -1.98
CA TPO B 80 9.72 -23.45 -0.64
CB TPO B 80 8.81 -24.71 -0.74
CG2 TPO B 80 8.14 -24.91 0.63
OG1 TPO B 80 7.77 -24.54 -1.71
P TPO B 80 8.08 -25.11 -3.21
O1P TPO B 80 9.30 -24.54 -3.85
O2P TPO B 80 8.21 -26.71 -3.17
O3P TPO B 80 6.86 -24.71 -4.20
C TPO B 80 10.95 -23.74 0.22
O TPO B 80 11.04 -23.35 1.39
N ALA B 81 11.92 -24.44 -0.40
CA ALA B 81 13.19 -24.76 0.24
C ALA B 81 13.93 -23.48 0.66
N TYR B 82 13.94 -22.48 -0.22
CA TYR B 82 14.64 -21.22 0.12
C TYR B 82 13.85 -20.37 1.10
N SER B 83 12.56 -20.13 0.83
CA SER B 83 11.84 -19.06 1.55
C SER B 83 11.41 -19.48 2.94
N VAL B 84 10.97 -20.73 3.12
CA VAL B 84 10.37 -21.14 4.40
C VAL B 84 11.35 -21.07 5.57
N PRO B 85 12.61 -21.52 5.45
CA PRO B 85 13.53 -21.28 6.57
C PRO B 85 13.80 -19.81 6.77
N CYS B 86 13.91 -19.05 5.68
CA CYS B 86 14.10 -17.61 5.80
C CYS B 86 12.96 -16.95 6.56
N MET B 87 11.71 -17.43 6.37
CA MET B 87 10.57 -16.82 7.03
C MET B 87 10.65 -16.93 8.54
N PHE B 88 11.36 -17.93 9.05
CA PHE B 88 11.49 -18.09 10.48
C PHE B 88 12.91 -17.73 10.95
N SER B 89 13.74 -17.22 10.04
CA SER B 89 15.12 -16.86 10.34
C SER B 89 15.20 -15.60 11.21
N TYR B 90 16.31 -15.48 11.95
CA TYR B 90 16.65 -14.22 12.62
C TYR B 90 17.52 -13.33 11.74
N LEU B 91 18.04 -13.85 10.64
CA LEU B 91 19.11 -13.21 9.88
C LEU B 91 18.60 -12.16 8.90
N GLY B 92 17.34 -12.24 8.47
CA GLY B 92 16.87 -11.37 7.41
C GLY B 92 17.43 -11.75 6.05
N ALA B 93 16.70 -11.39 4.98
CA ALA B 93 16.99 -11.85 3.63
C ALA B 93 18.37 -11.43 3.12
N ASP B 94 18.94 -10.35 3.64
CA ASP B 94 20.27 -9.92 3.22
C ASP B 94 21.37 -10.82 3.78
N GLU B 95 21.17 -11.37 4.98
CA GLU B 95 22.15 -12.20 5.67
C GLU B 95 21.92 -13.69 5.44
N TYR B 96 20.70 -14.08 5.06
CA TYR B 96 20.28 -15.47 5.08
C TYR B 96 21.11 -16.32 4.12
N ASP B 97 21.50 -17.51 4.58
CA ASP B 97 22.10 -18.53 3.73
C ASP B 97 21.27 -19.81 3.88
N VAL B 98 20.74 -20.32 2.77
CA VAL B 98 19.80 -21.43 2.86
C VAL B 98 20.50 -22.68 3.40
N ASP B 99 21.71 -22.96 2.92
CA ASP B 99 22.38 -24.23 3.21
C ASP B 99 22.63 -24.43 4.70
N THR B 100 22.99 -23.37 5.42
CA THR B 100 23.36 -23.47 6.82
C THR B 100 22.25 -23.01 7.76
N ALA B 101 21.04 -22.78 7.22
CA ALA B 101 19.93 -22.27 8.01
C ALA B 101 19.51 -23.24 9.13
N LYS B 102 19.64 -24.55 8.89
CA LYS B 102 19.21 -25.54 9.89
C LYS B 102 20.07 -25.53 11.15
N TYR B 103 21.30 -25.01 11.08
CA TYR B 103 22.16 -24.97 12.26
C TYR B 103 21.95 -23.73 13.11
N GLN B 104 21.07 -22.82 12.69
CA GLN B 104 20.80 -21.58 13.41
C GLN B 104 19.57 -21.73 14.30
N GLU B 105 19.56 -21.00 15.41
CA GLU B 105 18.33 -20.83 16.17
C GLU B 105 17.33 -19.99 15.38
N ASN B 106 16.10 -20.49 15.23
CA ASN B 106 15.02 -19.75 14.57
C ASN B 106 13.97 -19.33 15.60
N VAL B 107 12.96 -18.59 15.12
CA VAL B 107 12.00 -17.96 16.03
C VAL B 107 11.16 -19.02 16.77
N LEU B 108 10.92 -20.17 16.14
CA LEU B 108 10.14 -21.19 16.82
C LEU B 108 10.95 -21.82 17.96
N ASP B 109 12.25 -22.04 17.74
CA ASP B 109 13.13 -22.46 18.83
C ASP B 109 13.02 -21.51 20.01
N THR B 110 13.16 -20.21 19.74
CA THR B 110 12.98 -19.21 20.79
C THR B 110 11.63 -19.37 21.48
N LEU B 111 10.54 -19.32 20.70
CA LEU B 111 9.20 -19.33 21.29
C LEU B 111 8.95 -20.60 22.09
N ASP B 112 9.49 -21.73 21.63
CA ASP B 112 9.35 -22.97 22.39
C ASP B 112 10.05 -22.87 23.74
N ARG B 113 11.32 -22.45 23.71
CA ARG B 113 12.09 -22.30 24.95
C ARG B 113 11.36 -21.46 25.99
N LEU B 114 10.69 -20.40 25.56
CA LEU B 114 10.02 -19.48 26.48
C LEU B 114 8.64 -19.96 26.93
N GLY B 115 8.27 -21.19 26.62
CA GLY B 115 7.03 -21.75 27.13
C GLY B 115 5.83 -21.64 26.22
N VAL B 116 6.01 -21.30 24.95
CA VAL B 116 4.90 -21.23 24.02
C VAL B 116 4.78 -22.58 23.31
N SER B 117 3.58 -23.16 23.37
CA SER B 117 3.34 -24.48 22.78
C SER B 117 3.32 -24.38 21.25
N ILE B 118 4.27 -25.04 20.59
CA ILE B 118 4.45 -24.93 19.14
C ILE B 118 3.90 -26.18 18.46
N LEU B 119 3.08 -25.98 17.41
CA LEU B 119 2.54 -27.06 16.60
C LEU B 119 2.61 -26.69 15.13
N TRP B 120 3.07 -27.64 14.32
CA TRP B 120 3.25 -27.48 12.87
C TRP B 120 2.51 -28.62 12.17
N ARG B 121 1.45 -28.29 11.43
CA ARG B 121 0.74 -29.25 10.59
C ARG B 121 1.06 -28.91 9.14
N ASP B 122 1.38 -29.94 8.35
CA ASP B 122 1.91 -29.74 7.01
C ASP B 122 1.08 -30.51 5.99
N ASN B 123 0.50 -29.77 5.03
CA ASN B 123 -0.16 -30.36 3.87
C ASN B 123 0.57 -30.00 2.59
N ASN B 124 1.89 -29.83 2.67
CA ASN B 124 2.65 -29.31 1.55
C ASN B 124 3.86 -30.21 1.28
N SER B 125 4.73 -30.34 2.27
CA SER B 125 5.92 -31.19 2.20
C SER B 125 6.40 -31.44 3.62
N ASP B 126 7.20 -30.50 4.15
CA ASP B 126 7.51 -30.44 5.57
C ASP B 126 8.03 -29.04 5.88
N SER B 127 8.58 -28.87 7.07
CA SER B 127 9.00 -27.55 7.55
C SER B 127 10.31 -27.08 6.93
N LYS B 128 10.87 -27.82 5.97
CA LYS B 128 12.14 -27.45 5.34
C LYS B 128 13.23 -27.14 6.37
N GLY B 129 13.17 -27.83 7.53
CA GLY B 129 14.17 -27.75 8.56
C GLY B 129 13.74 -27.03 9.82
N VAL B 130 12.77 -26.12 9.70
CA VAL B 130 12.47 -25.18 10.79
C VAL B 130 12.17 -25.92 12.08
N MET B 131 11.45 -27.04 11.98
CA MET B 131 10.98 -27.74 13.17
C MET B 131 11.98 -28.77 13.69
N ASP B 132 13.09 -28.97 12.97
CA ASP B 132 13.95 -30.13 13.20
C ASP B 132 14.56 -30.16 14.60
N LYS B 133 14.74 -29.01 15.24
CA LYS B 133 15.31 -29.05 16.59
C LYS B 133 14.28 -29.36 17.66
N LEU B 134 13.00 -29.30 17.33
CA LEU B 134 11.92 -29.50 18.29
C LEU B 134 11.44 -30.95 18.26
N PRO B 135 10.75 -31.40 19.33
CA PRO B 135 10.17 -32.76 19.33
C PRO B 135 9.42 -33.12 18.05
N LYS B 136 9.70 -34.33 17.56
CA LYS B 136 8.98 -34.87 16.39
C LYS B 136 7.48 -34.80 16.59
N ALA B 137 7.00 -34.94 17.82
CA ALA B 137 5.58 -34.97 18.13
C ALA B 137 4.88 -33.66 17.79
N GLN B 138 5.61 -32.54 17.74
CA GLN B 138 5.02 -31.24 17.44
C GLN B 138 4.93 -30.95 15.95
N PHE B 139 5.35 -31.88 15.10
CA PHE B 139 5.13 -31.83 13.66
C PHE B 139 4.22 -32.99 13.26
N ALA B 140 3.26 -32.70 12.38
CA ALA B 140 2.30 -33.71 11.92
C ALA B 140 2.11 -33.61 10.41
N ASP B 141 2.39 -34.71 9.71
CA ASP B 141 2.15 -34.79 8.27
C ASP B 141 0.65 -34.90 8.01
N TYR B 142 0.10 -33.92 7.29
CA TYR B 142 -1.31 -33.93 6.92
C TYR B 142 -1.50 -34.13 5.43
N LYS B 143 -0.45 -34.58 4.73
CA LYS B 143 -0.58 -34.97 3.34
C LYS B 143 -1.17 -36.36 3.18
N SER B 144 -1.34 -37.13 4.25
CA SER B 144 -1.83 -38.50 4.17
C SER B 144 -3.11 -38.68 4.97
N ALA B 145 -3.90 -39.66 4.54
CA ALA B 145 -5.19 -39.97 5.14
C ALA B 145 -5.10 -40.50 6.56
N THR B 146 -3.90 -40.86 7.04
CA THR B 146 -3.83 -41.37 8.41
C THR B 146 -4.02 -40.26 9.43
N ASN B 147 -3.67 -39.01 9.10
CA ASN B 147 -3.97 -37.88 9.97
C ASN B 147 -5.05 -36.95 9.44
N ASN B 148 -5.16 -36.78 8.14
CA ASN B 148 -6.07 -35.80 7.54
C ASN B 148 -7.37 -36.50 7.20
N ALA B 149 -8.46 -36.09 7.85
CA ALA B 149 -9.78 -36.68 7.62
C ALA B 149 -10.44 -36.20 6.33
N ILE B 150 -9.78 -35.34 5.56
CA ILE B 150 -10.39 -34.72 4.37
C ILE B 150 -9.52 -34.95 3.14
N CYS B 151 -9.48 -36.20 2.67
CA CYS B 151 -8.76 -36.54 1.44
C CYS B 151 -9.65 -37.16 0.38
N ASN B 152 -10.86 -37.61 0.71
CA ASN B 152 -11.72 -38.31 -0.24
C ASN B 152 -12.77 -37.41 -0.87
N THR B 153 -12.52 -36.10 -0.91
CA THR B 153 -13.48 -35.15 -1.45
C THR B 153 -13.25 -34.84 -2.92
N ASN B 154 -12.34 -35.56 -3.58
CA ASN B 154 -11.97 -35.22 -4.94
C ASN B 154 -11.49 -36.47 -5.64
N PRO B 155 -11.51 -36.49 -6.98
CA PRO B 155 -11.11 -37.70 -7.71
C PRO B 155 -9.64 -38.08 -7.57
N TYR B 156 -8.80 -37.22 -7.00
CA TYR B 156 -7.39 -37.53 -6.84
C TYR B 156 -7.06 -38.05 -5.46
N ASN B 157 -8.03 -38.06 -4.57
CA ASN B 157 -7.82 -38.42 -3.17
C ASN B 157 -6.75 -37.54 -2.53
N GLU B 158 -6.66 -36.28 -2.96
CA GLU B 158 -5.70 -35.34 -2.39
C GLU B 158 -6.21 -34.76 -1.08
N CYS B 159 -5.41 -34.85 -0.03
CA CYS B 159 -5.78 -34.30 1.26
C CYS B 159 -5.86 -32.77 1.16
N ARG B 160 -6.82 -32.19 1.91
CA ARG B 160 -7.17 -30.78 1.79
C ARG B 160 -6.69 -29.98 2.99
N ASP B 161 -6.35 -28.71 2.75
CA ASP B 161 -5.88 -27.82 3.81
C ASP B 161 -6.87 -27.73 4.96
N VAL B 162 -8.19 -27.74 4.67
CA VAL B 162 -9.18 -27.62 5.73
C VAL B 162 -9.08 -28.78 6.73
N GLY B 163 -8.59 -29.94 6.30
CA GLY B 163 -8.39 -31.03 7.23
C GLY B 163 -7.48 -30.67 8.39
N MET B 164 -6.60 -29.68 8.19
CA MET B 164 -5.64 -29.29 9.20
C MET B 164 -6.32 -28.65 10.39
N LEU B 165 -7.56 -28.20 10.23
CA LEU B 165 -8.33 -27.60 11.30
C LEU B 165 -9.04 -28.63 12.19
N VAL B 166 -9.22 -29.85 11.69
CA VAL B 166 -9.91 -30.86 12.48
C VAL B 166 -9.06 -31.25 13.69
N GLY B 167 -9.68 -31.22 14.87
CA GLY B 167 -9.01 -31.62 16.08
C GLY B 167 -8.25 -30.52 16.78
N LEU B 168 -8.34 -29.28 16.30
CA LEU B 168 -7.61 -28.21 16.95
C LEU B 168 -8.25 -27.83 18.28
N ASP B 169 -9.56 -28.07 18.46
CA ASP B 169 -10.15 -27.95 19.78
C ASP B 169 -9.50 -28.93 20.77
N ASP B 170 -9.15 -30.13 20.31
CA ASP B 170 -8.46 -31.08 21.19
C ASP B 170 -7.05 -30.61 21.53
N PHE B 171 -6.35 -29.98 20.57
CA PHE B 171 -5.03 -29.41 20.88
C PHE B 171 -5.16 -28.31 21.92
N VAL B 172 -6.15 -27.42 21.77
CA VAL B 172 -6.33 -26.34 22.74
C VAL B 172 -6.60 -26.92 24.12
N ALA B 173 -7.53 -27.88 24.21
CA ALA B 173 -7.85 -28.49 25.51
C ALA B 173 -6.63 -29.16 26.13
N ALA B 174 -5.85 -29.87 25.32
CA ALA B 174 -4.62 -30.50 25.81
C ALA B 174 -3.56 -29.49 26.23
N ASN B 175 -3.65 -28.24 25.77
CA ASN B 175 -2.68 -27.20 26.09
C ASN B 175 -3.35 -26.05 26.84
N ASN B 176 -4.44 -26.34 27.55
CA ASN B 176 -5.34 -25.30 28.01
C ASN B 176 -4.64 -24.35 28.97
N GLY B 177 -4.85 -23.06 28.77
CA GLY B 177 -4.24 -22.03 29.59
C GLY B 177 -2.88 -21.56 29.13
N LYS B 178 -2.23 -22.29 28.23
CA LYS B 178 -0.91 -21.94 27.72
C LYS B 178 -1.00 -20.99 26.53
N ASP B 179 0.15 -20.38 26.20
CA ASP B 179 0.31 -19.69 24.91
C ASP B 179 0.53 -20.71 23.81
N MET B 180 -0.06 -20.44 22.64
CA MET B 180 -0.14 -21.43 21.58
C MET B 180 0.08 -20.78 20.22
N LEU B 181 1.05 -21.31 19.47
CA LEU B 181 1.32 -20.88 18.10
C LEU B 181 1.23 -22.08 17.17
N ILE B 182 0.31 -22.02 16.20
CA ILE B 182 -0.02 -23.13 15.32
C ILE B 182 0.35 -22.77 13.89
N MET B 183 1.32 -23.50 13.32
CA MET B 183 1.70 -23.30 11.93
C MET B 183 0.91 -24.29 11.08
N LEU B 184 0.17 -23.79 10.09
CA LEU B 184 -0.54 -24.60 9.10
C LEU B 184 0.09 -24.34 7.74
N HIS B 185 0.91 -25.29 7.29
CA HIS B 185 1.63 -25.21 6.02
C HIS B 185 0.74 -25.75 4.91
N GLN B 186 0.32 -24.86 4.01
CA GLN B 186 -0.69 -25.14 2.99
C GLN B 186 -0.13 -25.85 1.78
N MET B 187 -0.91 -26.75 1.20
CA MET B 187 -0.71 -27.09 -0.21
C MET B 187 -0.96 -25.86 -1.08
N GLY B 188 -2.03 -25.13 -0.79
CA GLY B 188 -2.27 -23.84 -1.42
C GLY B 188 -2.35 -23.93 -2.93
N ASN B 189 -1.57 -23.08 -3.60
CA ASN B 189 -1.60 -22.95 -5.05
C ASN B 189 -0.46 -23.70 -5.73
N HIS B 190 0.13 -24.69 -5.05
CA HIS B 190 1.22 -25.48 -5.61
C HIS B 190 0.88 -25.96 -7.01
N GLY B 191 1.79 -25.74 -7.94
CA GLY B 191 1.64 -26.23 -9.29
C GLY B 191 2.55 -27.42 -9.55
N PRO B 192 2.55 -27.91 -10.78
CA PRO B 192 1.86 -27.37 -11.97
C PRO B 192 0.36 -27.69 -12.04
N ALA B 193 -0.11 -28.65 -11.26
CA ALA B 193 -1.48 -29.14 -11.39
C ALA B 193 -2.42 -28.32 -10.51
N TYR B 194 -2.67 -27.09 -10.94
CA TYR B 194 -3.53 -26.17 -10.18
C TYR B 194 -4.93 -26.74 -10.04
N PHE B 195 -5.42 -27.41 -11.09
CA PHE B 195 -6.78 -27.92 -11.08
C PHE B 195 -6.99 -29.00 -10.01
N LYS B 196 -5.93 -29.58 -9.47
CA LYS B 196 -6.06 -30.59 -8.43
C LYS B 196 -6.16 -29.99 -7.04
N ARG B 197 -5.92 -28.68 -6.89
CA ARG B 197 -5.68 -28.03 -5.60
C ARG B 197 -6.95 -27.61 -4.87
N TYR B 198 -8.14 -27.86 -5.44
CA TYR B 198 -9.38 -27.40 -4.85
C TYR B 198 -10.47 -28.38 -5.19
N ASP B 199 -11.50 -28.48 -4.34
CA ASP B 199 -12.65 -29.32 -4.68
C ASP B 199 -13.62 -28.58 -5.61
N GLU B 200 -14.58 -29.36 -6.14
CA GLU B 200 -15.52 -28.85 -7.15
C GLU B 200 -16.28 -27.61 -6.70
N LYS B 201 -16.56 -27.50 -5.39
CA LYS B 201 -17.32 -26.36 -4.89
C LYS B 201 -16.62 -25.02 -5.15
N PHE B 202 -15.34 -25.03 -5.55
CA PHE B 202 -14.57 -23.81 -5.80
C PHE B 202 -14.17 -23.66 -7.27
N ALA B 203 -14.77 -24.43 -8.17
CA ALA B 203 -14.49 -24.28 -9.61
C ALA B 203 -15.41 -23.22 -10.20
N LYS B 204 -15.26 -22.00 -9.68
CA LYS B 204 -16.08 -20.87 -10.14
C LYS B 204 -15.70 -20.46 -11.56
N PHE B 205 -14.41 -20.53 -11.91
CA PHE B 205 -13.90 -20.05 -13.19
C PHE B 205 -13.53 -21.25 -14.06
N THR B 206 -14.30 -21.45 -15.13
CA THR B 206 -14.11 -22.50 -16.11
C THR B 206 -13.97 -21.91 -17.51
N PRO B 207 -13.39 -22.67 -18.45
CA PRO B 207 -12.79 -24.01 -18.32
C PRO B 207 -11.41 -23.94 -17.68
N VAL B 208 -10.83 -25.06 -17.28
CA VAL B 208 -9.50 -25.07 -16.66
C VAL B 208 -8.59 -26.00 -17.46
N CYS B 209 -7.34 -25.58 -17.62
CA CYS B 209 -6.30 -26.46 -18.11
C CYS B 209 -6.17 -27.65 -17.15
N GLU B 210 -6.35 -28.85 -17.68
CA GLU B 210 -6.16 -30.08 -16.94
C GLU B 210 -4.96 -30.87 -17.44
N GLY B 211 -4.05 -30.19 -18.16
CA GLY B 211 -2.84 -30.81 -18.65
C GLY B 211 -1.63 -30.35 -17.84
N ASN B 212 -0.52 -31.05 -18.05
CA ASN B 212 0.69 -30.82 -17.28
C ASN B 212 1.81 -30.17 -18.08
N GLU B 213 1.60 -29.93 -19.38
CA GLU B 213 2.58 -29.24 -20.20
C GLU B 213 2.57 -27.73 -19.97
N LEU B 214 1.55 -27.20 -19.30
CA LEU B 214 1.49 -25.81 -18.88
C LEU B 214 1.58 -24.82 -20.04
N ALA B 215 2.72 -24.76 -20.72
CA ALA B 215 2.83 -23.92 -21.91
C ALA B 215 1.80 -24.33 -22.96
N LYS B 216 1.40 -25.60 -22.96
CA LYS B 216 0.35 -26.08 -23.85
C LYS B 216 -0.97 -25.35 -23.59
N CYS B 217 -1.34 -25.21 -22.31
CA CYS B 217 -2.72 -24.85 -21.95
C CYS B 217 -3.12 -23.49 -22.50
N GLU B 218 -4.43 -23.33 -22.75
CA GLU B 218 -4.97 -22.14 -23.40
C GLU B 218 -5.05 -21.01 -22.36
N HIS B 219 -3.88 -20.41 -22.10
CA HIS B 219 -3.60 -19.47 -21.02
C HIS B 219 -4.75 -19.09 -20.08
N GLN B 220 -5.85 -18.59 -20.63
CA GLN B 220 -6.95 -18.13 -19.77
C GLN B 220 -7.56 -19.27 -18.97
N SER B 221 -7.53 -20.49 -19.51
CA SER B 221 -7.94 -21.65 -18.73
C SER B 221 -6.91 -22.01 -17.66
N LEU B 222 -5.62 -21.74 -17.92
CA LEU B 222 -4.61 -21.92 -16.88
C LEU B 222 -4.83 -20.95 -15.73
N ILE B 223 -5.17 -19.69 -16.04
CA ILE B 223 -5.47 -18.71 -15.02
C ILE B 223 -6.69 -19.12 -14.21
N ASN B 224 -7.65 -19.76 -14.87
CA ASN B 224 -8.89 -20.13 -14.19
C ASN B 224 -8.61 -21.09 -13.04
N ALA B 225 -7.81 -22.12 -13.30
CA ALA B 225 -7.50 -23.10 -12.27
C ALA B 225 -6.73 -22.46 -11.13
N TYR B 226 -5.83 -21.53 -11.44
CA TYR B 226 -5.09 -20.81 -10.41
C TYR B 226 -6.03 -19.99 -9.53
N ASP B 227 -7.00 -19.30 -10.14
CA ASP B 227 -7.93 -18.50 -9.35
C ASP B 227 -8.89 -19.38 -8.56
N ASN B 228 -9.31 -20.51 -9.14
CA ASN B 228 -10.10 -21.47 -8.36
C ASN B 228 -9.36 -21.94 -7.11
N ALA B 229 -8.06 -22.25 -7.25
CA ALA B 229 -7.28 -22.67 -6.10
C ALA B 229 -7.21 -21.59 -5.04
N LEU B 230 -7.19 -20.31 -5.47
CA LEU B 230 -7.17 -19.21 -4.52
C LEU B 230 -8.48 -19.12 -3.74
N LEU B 231 -9.61 -19.45 -4.37
CA LEU B 231 -10.88 -19.46 -3.66
C LEU B 231 -10.89 -20.52 -2.57
N ALA B 232 -10.25 -21.67 -2.84
CA ALA B 232 -10.05 -22.69 -1.80
C ALA B 232 -9.27 -22.11 -0.63
N THR B 233 -8.22 -21.32 -0.93
CA THR B 233 -7.42 -20.71 0.14
C THR B 233 -8.20 -19.66 0.91
N ASP B 234 -8.97 -18.82 0.19
CA ASP B 234 -9.88 -17.88 0.86
C ASP B 234 -10.77 -18.61 1.86
N ASP B 235 -11.34 -19.74 1.44
CA ASP B 235 -12.20 -20.53 2.33
C ASP B 235 -11.42 -21.05 3.52
N PHE B 236 -10.19 -21.54 3.28
CA PHE B 236 -9.39 -22.12 4.36
C PHE B 236 -9.00 -21.08 5.40
N ILE B 237 -8.54 -19.90 4.96
CA ILE B 237 -8.20 -18.83 5.90
C ILE B 237 -9.43 -18.37 6.66
N ALA B 238 -10.55 -18.18 5.95
CA ALA B 238 -11.78 -17.75 6.59
C ALA B 238 -12.22 -18.73 7.67
N GLN B 239 -12.13 -20.03 7.39
CA GLN B 239 -12.48 -21.03 8.38
C GLN B 239 -11.47 -21.04 9.52
N SER B 240 -10.19 -20.78 9.23
CA SER B 240 -9.21 -20.59 10.29
C SER B 240 -9.60 -19.45 11.22
N ILE B 241 -10.02 -18.31 10.67
CA ILE B 241 -10.45 -17.20 11.52
C ILE B 241 -11.70 -17.57 12.31
N GLN B 242 -12.68 -18.18 11.64
CA GLN B 242 -13.91 -18.57 12.34
C GLN B 242 -13.61 -19.55 13.47
N TRP B 243 -12.67 -20.47 13.26
CA TRP B 243 -12.28 -21.37 14.35
C TRP B 243 -11.67 -20.60 15.52
N LEU B 244 -10.71 -19.70 15.23
CA LEU B 244 -10.12 -18.87 16.26
C LEU B 244 -11.17 -18.06 17.01
N GLN B 245 -12.25 -17.66 16.33
CA GLN B 245 -13.26 -16.81 16.95
C GLN B 245 -14.05 -17.56 18.02
N THR B 246 -14.22 -18.86 17.86
CA THR B 246 -14.90 -19.62 18.90
C THR B 246 -14.11 -19.60 20.20
N HIS B 247 -12.83 -19.24 20.15
CA HIS B 247 -11.95 -19.25 21.32
C HIS B 247 -11.63 -17.85 21.84
N SER B 248 -12.27 -16.81 21.29
CA SER B 248 -11.84 -15.44 21.58
C SER B 248 -12.14 -15.00 23.02
N ASN B 249 -13.08 -15.64 23.70
CA ASN B 249 -13.33 -15.30 25.10
C ASN B 249 -12.17 -15.74 26.00
N ALA B 250 -11.79 -17.01 25.92
CA ALA B 250 -10.73 -17.50 26.79
C ALA B 250 -9.36 -17.01 26.34
N TYR B 251 -9.19 -16.74 25.05
CA TYR B 251 -7.88 -16.55 24.45
C TYR B 251 -7.83 -15.26 23.65
N ASP B 252 -6.62 -14.70 23.53
CA ASP B 252 -6.36 -13.61 22.61
C ASP B 252 -5.98 -14.23 21.27
N VAL B 253 -6.89 -14.18 20.30
CA VAL B 253 -6.75 -14.91 19.04
C VAL B 253 -6.32 -13.95 17.94
N SER B 254 -5.28 -14.36 17.18
CA SER B 254 -4.85 -13.66 15.98
C SER B 254 -4.45 -14.67 14.92
N MET B 255 -4.46 -14.22 13.66
CA MET B 255 -4.12 -15.04 12.51
C MET B 255 -3.18 -14.28 11.59
N LEU B 256 -2.06 -14.91 11.22
CA LEU B 256 -1.14 -14.37 10.22
C LEU B 256 -1.13 -15.29 9.01
N TYR B 257 -1.25 -14.71 7.81
CA TYR B 257 -1.01 -15.43 6.55
C TYR B 257 0.08 -14.73 5.75
N VAL B 258 1.10 -15.48 5.32
CA VAL B 258 2.08 -15.02 4.34
C VAL B 258 2.40 -16.15 3.37
N SER B 259 2.37 -15.86 2.07
CA SER B 259 2.81 -16.85 1.08
C SER B 259 4.33 -16.93 1.02
N ASP B 260 4.85 -18.13 0.70
CA ASP B 260 6.29 -18.36 0.66
C ASP B 260 6.93 -17.78 -0.60
N HIS B 261 6.17 -17.60 -1.68
CA HIS B 261 6.66 -17.03 -2.92
C HIS B 261 5.47 -16.96 -3.87
N GLY B 262 5.68 -16.33 -5.01
CA GLY B 262 4.68 -16.23 -6.06
C GLY B 262 4.82 -17.33 -7.08
N GLU B 263 4.50 -17.00 -8.33
CA GLU B 263 4.47 -17.97 -9.42
C GLU B 263 4.49 -17.20 -10.72
N SER B 264 5.24 -17.72 -11.70
CA SER B 264 5.15 -17.22 -13.07
C SER B 264 3.98 -17.91 -13.78
N LEU B 265 3.18 -17.11 -14.49
CA LEU B 265 1.99 -17.63 -15.16
C LEU B 265 2.04 -17.38 -16.66
N GLY B 266 3.23 -17.50 -17.26
CA GLY B 266 3.39 -17.39 -18.71
C GLY B 266 4.19 -16.19 -19.18
N GLU B 267 4.43 -15.19 -18.34
CA GLU B 267 5.10 -13.96 -18.74
C GLU B 267 6.45 -14.25 -19.40
N ASN B 268 6.63 -13.70 -20.61
CA ASN B 268 7.73 -14.00 -21.52
C ASN B 268 8.09 -15.47 -21.42
N GLY B 269 7.08 -16.34 -21.53
CA GLY B 269 7.27 -17.78 -21.62
C GLY B 269 7.67 -18.48 -20.34
N VAL B 270 7.73 -17.78 -19.21
CA VAL B 270 8.19 -18.36 -17.94
C VAL B 270 6.99 -18.87 -17.15
N TYR B 271 7.03 -20.13 -16.76
CA TYR B 271 6.03 -20.73 -15.90
C TYR B 271 6.71 -21.16 -14.60
N LEU B 272 5.87 -21.47 -13.61
CA LEU B 272 6.30 -22.00 -12.30
C LEU B 272 7.12 -20.94 -11.56
N HIS B 273 7.98 -21.39 -10.65
CA HIS B 273 8.81 -20.51 -9.83
C HIS B 273 10.24 -21.02 -9.71
N GLY B 274 10.87 -20.78 -8.56
CA GLY B 274 12.17 -21.34 -8.25
C GLY B 274 13.37 -20.62 -8.83
N MET B 275 13.18 -19.61 -9.68
CA MET B 275 14.29 -18.98 -10.37
C MET B 275 15.22 -18.25 -9.39
N PRO B 276 16.50 -18.10 -9.74
CA PRO B 276 17.43 -17.42 -8.82
C PRO B 276 17.04 -15.96 -8.62
N ASN B 277 17.23 -15.49 -7.39
CA ASN B 277 16.72 -14.19 -6.99
C ASN B 277 17.18 -13.07 -7.91
N ALA B 278 18.47 -13.06 -8.24
CA ALA B 278 19.03 -11.96 -9.03
C ALA B 278 18.33 -11.84 -10.38
N PHE B 279 17.83 -12.94 -10.93
CA PHE B 279 17.22 -12.92 -12.26
C PHE B 279 15.70 -13.14 -12.24
N ALA B 280 15.12 -13.49 -11.10
CA ALA B 280 13.72 -13.91 -11.07
C ALA B 280 12.76 -12.73 -11.29
N PRO B 281 11.68 -12.92 -12.06
CA PRO B 281 10.71 -11.84 -12.26
C PRO B 281 9.95 -11.50 -10.99
N LYS B 282 9.39 -10.30 -10.98
CA LYS B 282 8.71 -9.79 -9.78
C LYS B 282 7.53 -10.67 -9.38
N GLU B 283 6.93 -11.36 -10.34
CA GLU B 283 5.78 -12.23 -10.06
CA GLU B 283 5.78 -12.20 -10.03
C GLU B 283 6.14 -13.31 -9.05
N GLN B 284 7.37 -13.83 -9.13
CA GLN B 284 7.80 -14.90 -8.24
C GLN B 284 8.08 -14.43 -6.81
N ARG B 285 8.14 -13.11 -6.55
CA ARG B 285 8.45 -12.63 -5.22
C ARG B 285 7.40 -11.71 -4.61
N SER B 286 6.39 -11.31 -5.37
CA SER B 286 5.31 -10.46 -4.87
CA SER B 286 5.31 -10.46 -4.87
C SER B 286 4.25 -11.36 -4.24
N VAL B 287 4.16 -11.33 -2.91
CA VAL B 287 3.27 -12.28 -2.21
C VAL B 287 2.16 -11.57 -1.44
N PRO B 288 1.00 -12.22 -1.27
CA PRO B 288 -0.02 -11.68 -0.36
C PRO B 288 0.36 -11.89 1.11
N ALA B 289 -0.30 -11.12 1.96
CA ALA B 289 -0.19 -11.33 3.39
C ALA B 289 -1.43 -10.73 4.03
N PHE B 290 -2.01 -11.45 4.98
CA PHE B 290 -3.14 -10.94 5.76
C PHE B 290 -2.87 -11.09 7.24
N PHE B 291 -3.39 -10.15 8.02
CA PHE B 291 -3.41 -10.29 9.47
C PHE B 291 -4.82 -10.05 9.98
N TRP B 292 -5.25 -10.88 10.94
CA TRP B 292 -6.53 -10.68 11.61
C TRP B 292 -6.29 -10.83 13.10
N THR B 293 -6.99 -10.04 13.89
CA THR B 293 -7.01 -10.21 15.34
C THR B 293 -8.40 -9.83 15.83
N ASP B 294 -8.78 -10.42 16.96
CA ASP B 294 -10.05 -10.08 17.60
C ASP B 294 -9.91 -8.69 18.24
N LYS B 295 -11.04 -7.99 18.39
CA LYS B 295 -10.99 -6.61 18.84
C LYS B 295 -10.38 -6.48 20.24
N GLN B 296 -10.53 -7.51 21.08
CA GLN B 296 -10.13 -7.42 22.47
C GLN B 296 -8.64 -7.67 22.69
N THR B 297 -7.89 -8.04 21.65
CA THR B 297 -6.52 -8.49 21.85
C THR B 297 -5.59 -7.35 22.26
N GLY B 298 -5.82 -6.15 21.72
CA GLY B 298 -4.89 -5.06 21.90
C GLY B 298 -3.79 -4.99 20.86
N ILE B 299 -3.70 -5.98 19.98
CA ILE B 299 -2.79 -5.91 18.84
C ILE B 299 -3.41 -4.98 17.81
N THR B 300 -2.60 -4.07 17.26
CA THR B 300 -3.05 -3.26 16.13
CA THR B 300 -3.05 -3.27 16.13
C THR B 300 -2.07 -3.39 14.97
N PRO B 301 -2.57 -3.53 13.75
CA PRO B 301 -1.68 -3.78 12.61
C PRO B 301 -0.96 -2.52 12.17
N MET B 302 0.17 -2.74 11.50
CA MET B 302 0.82 -1.68 10.78
C MET B 302 -0.09 -1.21 9.64
N ALA B 303 0.25 -0.06 9.07
CA ALA B 303 -0.48 0.42 7.90
C ALA B 303 -0.38 -0.61 6.78
N THR B 304 -1.47 -0.72 6.00
CA THR B 304 -1.58 -1.74 4.97
C THR B 304 -0.50 -1.61 3.90
N ASP B 305 0.06 -0.42 3.69
CA ASP B 305 1.04 -0.21 2.62
C ASP B 305 2.50 -0.23 3.12
N THR B 306 2.73 -0.55 4.39
CA THR B 306 4.09 -0.68 4.89
C THR B 306 4.92 -1.57 3.96
N VAL B 307 6.11 -1.09 3.58
CA VAL B 307 6.97 -1.91 2.74
C VAL B 307 7.49 -3.07 3.58
N LEU B 308 7.17 -4.30 3.15
CA LEU B 308 7.33 -5.45 4.01
C LEU B 308 7.95 -6.60 3.22
N THR B 309 8.63 -7.48 3.96
CA THR B 309 9.24 -8.70 3.45
C THR B 309 9.03 -9.81 4.48
N HIS B 310 9.52 -11.00 4.15
CA HIS B 310 9.52 -12.11 5.10
C HIS B 310 10.29 -11.78 6.37
N ASP B 311 11.24 -10.84 6.30
CA ASP B 311 11.95 -10.37 7.48
C ASP B 311 11.00 -9.95 8.60
N ALA B 312 9.79 -9.50 8.28
CA ALA B 312 8.86 -9.02 9.30
C ALA B 312 8.13 -10.14 10.05
N ILE B 313 8.19 -11.39 9.57
CA ILE B 313 7.50 -12.48 10.24
C ILE B 313 8.10 -12.74 11.62
N THR B 314 9.43 -12.88 11.70
CA THR B 314 10.05 -13.18 12.99
C THR B 314 9.74 -12.14 14.07
N PRO B 315 9.87 -10.83 13.83
CA PRO B 315 9.46 -9.88 14.87
C PRO B 315 7.96 -9.85 15.13
N THR B 316 7.13 -10.06 14.10
CA THR B 316 5.69 -10.17 14.32
C THR B 316 5.37 -11.26 15.33
N LEU B 317 5.96 -12.45 15.15
CA LEU B 317 5.64 -13.58 16.01
C LEU B 317 6.07 -13.31 17.46
N LEU B 318 7.29 -12.80 17.65
CA LEU B 318 7.74 -12.42 18.99
C LEU B 318 6.80 -11.41 19.61
N LYS B 319 6.44 -10.37 18.86
CA LYS B 319 5.53 -9.34 19.35
C LYS B 319 4.19 -9.92 19.77
N LEU B 320 3.69 -10.92 19.03
CA LEU B 320 2.36 -11.43 19.35
C LEU B 320 2.36 -12.11 20.70
N PHE B 321 3.50 -12.65 21.13
CA PHE B 321 3.60 -13.35 22.40
C PHE B 321 4.37 -12.54 23.45
N ASP B 322 4.52 -11.23 23.21
CA ASP B 322 5.10 -10.30 24.18
C ASP B 322 6.56 -10.65 24.50
N VAL B 323 7.34 -10.81 23.44
CA VAL B 323 8.74 -11.24 23.55
C VAL B 323 9.63 -10.18 22.89
N THR B 324 10.72 -9.83 23.57
CA THR B 324 11.72 -8.92 23.04
C THR B 324 13.04 -9.65 22.85
N ALA B 325 13.69 -9.40 21.72
CA ALA B 325 14.98 -9.99 21.39
C ALA B 325 15.76 -8.97 20.58
N ASP B 326 17.02 -8.75 20.98
CA ASP B 326 17.76 -7.60 20.47
C ASP B 326 17.89 -7.63 18.95
N LYS B 327 18.15 -8.80 18.37
CA LYS B 327 18.47 -8.93 16.95
C LYS B 327 17.40 -8.32 16.05
N VAL B 328 16.19 -8.05 16.58
CA VAL B 328 15.10 -7.52 15.77
C VAL B 328 14.44 -6.34 16.48
N LYS B 329 15.18 -5.65 17.37
CA LYS B 329 14.58 -4.57 18.14
C LYS B 329 14.07 -3.44 17.25
N ASP B 330 14.80 -3.14 16.17
CA ASP B 330 14.41 -2.07 15.27
C ASP B 330 13.56 -2.55 14.10
N ARG B 331 13.42 -3.86 13.91
CA ARG B 331 12.95 -4.40 12.64
C ARG B 331 11.43 -4.26 12.50
N THR B 332 11.01 -3.90 11.29
CA THR B 332 9.58 -3.71 11.01
C THR B 332 8.85 -5.04 11.10
N ALA B 333 7.63 -4.98 11.64
CA ALA B 333 6.74 -6.12 11.73
C ALA B 333 5.47 -5.84 10.95
N PHE B 334 4.56 -6.83 10.93
CA PHE B 334 3.22 -6.64 10.40
C PHE B 334 2.32 -5.91 11.38
N ILE B 335 2.73 -5.85 12.64
CA ILE B 335 1.93 -5.26 13.71
C ILE B 335 2.80 -4.28 14.49
N ARG B 336 2.16 -3.31 15.11
CA ARG B 336 2.88 -2.36 15.94
C ARG B 336 3.26 -3.07 17.25
AU AU C . -11.49 18.07 -8.01
AU AU D . 6.47 -22.92 -2.43
#